data_2A4Z
#
_entry.id   2A4Z
#
_cell.length_a   142.352
_cell.length_b   67.648
_cell.length_c   106.390
_cell.angle_alpha   90.00
_cell.angle_beta   95.77
_cell.angle_gamma   90.00
#
_symmetry.space_group_name_H-M   'C 1 2 1'
#
loop_
_entity.id
_entity.type
_entity.pdbx_description
1 polymer 'Phosphatidylinositol-4,5-bisphosphate 3-kinase catalytic subunit, gamma isoform'
2 non-polymer (5E)-5-[(2,2-DIFLUORO-1,3-BENZODIOXOL-5-YL)METHYLENE]-1,3-THIAZOLIDINE-2,4-DIONE
3 water water
#
_entity_poly.entity_id   1
_entity_poly.type   'polypeptide(L)'
_entity_poly.pdbx_seq_one_letter_code
;MSEESQAFQRQLTALIGYDVTDVSNVHDDELEFTRRGLVTPRMAEVASRDPKLYAMHPWVTSKPLPEYLWKKIANNCIFI
VIHRSTTSQTIKVSPDDTPGAILQSFFTKMAKKKSLMDIPESQSEQDFVLRVCGRDEYLVGETPIKNFQWVRHCLKNGEE
IHVVLDTPPDPALDEVRKEEWPLVDDCTGVTGYHEQLTIHGKDHESVFTVSLWDCDRKFRVKIRGIDIPVLPRNTDLTVF
VEANIQHGQQVLCQRRTSPKPFTEEVLWNVWLEFSIKIKDLPKGALLNLQIYCGKAPALSSKASAESPSSESKGKVRLLY
YVNLLLIDHRFLLRRGEYVLHMWQISGKGEDQGSFNADKLTSATNPDKENSMSISILLDNYCHPIALPKHQPTPDPEGDR
VRAEMPNQLRKQLEAIIATDPLNPLTAEDKELLWHFRYESLKHPKAYPKLFSSVKWGQQEIVAKTYQLLARREVWDQSAL
DVGLTMQLLDCNFSDENVRAIAVQKLESLEDDDVLHYLLQLVQAVKFEPYHDSALARFLLKRGLRNKRIGHFLFWFLRSE
IAQSRHYQQRFAVILEAYLRGCGTAMLHDFTQQVQVIEMLQKVTLDIKSLSAEKYDVSSQVISQLKQKLENLQNSQLPES
FRVPYDPGLKAGALAIEKCKVMASKKKPLWLEFKCADPTALSNETIGIIFKHGDDLRQDMLILQILRIMESIWETESLDL
CLLPYGCISTGDKIGMIEIVKDATTIAKIQQSTVGNTGAFKDEVLNHWLKEKSPTEEKFQAAVERFVYSCAGYCVATFVL
GIGDRHNDNIMITETGNLFHIDFGHILGNYKSFLGINKERVPFVLTPDFLFVMGTSGKKTSPHFQKFQDICVKAYLALRH
HTNLLIILFSMMLMTGMPQLTSKEDIEYIRDALTVGKNEEDAKKYFLDQIEVCRDKGWTVQFNWFLHLVLGIKQGEKHSA
HHHHHH
;
_entity_poly.pdbx_strand_id   A
#
loop_
_chem_comp.id
_chem_comp.type
_chem_comp.name
_chem_comp.formula
BYM non-polymer (5E)-5-[(2,2-DIFLUORO-1,3-BENZODIOXOL-5-YL)METHYLENE]-1,3-THIAZOLIDINE-2,4-DIONE 'C11 H5 F2 N O4 S'
#
# COMPACT_ATOMS: atom_id res chain seq x y z
N SER A 2 29.22 -23.66 4.56
CA SER A 2 29.15 -24.82 3.63
C SER A 2 29.63 -24.43 2.24
N GLU A 3 30.13 -25.42 1.49
CA GLU A 3 30.60 -25.18 0.14
C GLU A 3 29.39 -25.44 -0.75
N GLU A 4 28.22 -25.38 -0.11
CA GLU A 4 26.95 -25.58 -0.77
C GLU A 4 25.95 -24.66 -0.08
N SER A 5 26.45 -23.90 0.88
CA SER A 5 25.63 -22.96 1.63
C SER A 5 25.39 -21.72 0.76
N GLN A 6 26.40 -21.36 -0.02
CA GLN A 6 26.30 -20.20 -0.90
C GLN A 6 25.40 -20.49 -2.09
N ALA A 7 24.85 -21.70 -2.14
CA ALA A 7 23.95 -22.08 -3.23
C ALA A 7 22.55 -21.71 -2.79
N PHE A 8 22.31 -21.81 -1.49
CA PHE A 8 21.01 -21.44 -0.94
C PHE A 8 20.95 -19.94 -1.12
N GLN A 9 22.02 -19.26 -0.71
CA GLN A 9 22.10 -17.82 -0.83
C GLN A 9 21.78 -17.43 -2.26
N ARG A 10 22.22 -18.25 -3.21
CA ARG A 10 21.94 -17.96 -4.61
C ARG A 10 20.44 -18.06 -4.80
N GLN A 11 19.82 -19.01 -4.11
CA GLN A 11 18.38 -19.20 -4.19
C GLN A 11 17.70 -17.92 -3.72
N LEU A 12 18.14 -17.43 -2.57
CA LEU A 12 17.58 -16.21 -2.04
C LEU A 12 17.84 -15.06 -3.01
N THR A 13 19.11 -14.77 -3.28
CA THR A 13 19.42 -13.71 -4.20
C THR A 13 18.46 -13.66 -5.39
N ALA A 14 18.16 -14.81 -5.98
CA ALA A 14 17.27 -14.85 -7.15
C ALA A 14 15.82 -14.52 -6.84
N LEU A 15 15.36 -14.90 -5.66
CA LEU A 15 14.01 -14.63 -5.24
C LEU A 15 13.90 -13.12 -4.95
N ILE A 16 14.88 -12.62 -4.20
CA ILE A 16 14.98 -11.23 -3.77
C ILE A 16 15.13 -10.21 -4.89
N GLY A 17 16.00 -10.52 -5.84
CA GLY A 17 16.23 -9.61 -6.96
C GLY A 17 17.39 -8.69 -6.70
N TYR A 18 18.04 -8.85 -5.54
CA TYR A 18 19.18 -8.04 -5.15
C TYR A 18 20.11 -8.86 -4.23
N ASP A 19 21.39 -8.50 -4.19
CA ASP A 19 22.35 -9.25 -3.37
C ASP A 19 22.74 -8.60 -2.03
N VAL A 20 22.13 -9.08 -0.96
CA VAL A 20 22.40 -8.57 0.37
C VAL A 20 23.78 -8.95 0.87
N THR A 21 24.64 -9.40 -0.04
CA THR A 21 25.99 -9.80 0.34
C THR A 21 27.07 -8.89 -0.20
N ASP A 22 26.74 -8.07 -1.18
CA ASP A 22 27.70 -7.14 -1.75
C ASP A 22 28.04 -6.08 -0.69
N VAL A 23 28.99 -5.21 -1.00
CA VAL A 23 29.41 -4.16 -0.08
C VAL A 23 30.13 -2.98 -0.77
N SER A 24 30.03 -2.90 -2.09
CA SER A 24 30.64 -1.81 -2.83
C SER A 24 29.79 -0.53 -2.78
N ASN A 25 28.73 -0.54 -1.98
CA ASN A 25 27.88 0.63 -1.86
C ASN A 25 27.38 0.92 -0.44
N VAL A 26 28.28 0.81 0.52
CA VAL A 26 27.96 1.09 1.90
C VAL A 26 29.21 1.73 2.48
N HIS A 27 29.10 2.21 3.71
CA HIS A 27 30.24 2.85 4.35
C HIS A 27 30.14 2.58 5.83
N ASP A 28 29.44 1.51 6.17
CA ASP A 28 29.25 1.08 7.55
C ASP A 28 28.65 -0.32 7.51
N ASP A 29 28.24 -0.84 8.65
CA ASP A 29 27.69 -2.18 8.67
C ASP A 29 26.27 -2.25 9.21
N GLU A 30 25.47 -1.21 8.94
CA GLU A 30 24.10 -1.20 9.42
C GLU A 30 23.34 -2.36 8.77
N LEU A 31 23.49 -2.51 7.46
CA LEU A 31 22.81 -3.60 6.78
C LEU A 31 23.15 -4.96 7.34
N GLU A 32 24.45 -5.24 7.49
CA GLU A 32 24.91 -6.51 8.03
C GLU A 32 24.42 -6.66 9.47
N PHE A 33 24.73 -5.66 10.27
CA PHE A 33 24.31 -5.65 11.65
C PHE A 33 22.80 -5.93 11.73
N THR A 34 22.06 -5.47 10.72
CA THR A 34 20.61 -5.63 10.68
C THR A 34 20.22 -7.04 10.28
N ARG A 35 21.05 -7.67 9.45
CA ARG A 35 20.77 -9.04 9.04
C ARG A 35 21.01 -9.84 10.31
N ARG A 36 22.13 -9.55 10.94
CA ARG A 36 22.50 -10.23 12.17
C ARG A 36 21.41 -10.07 13.22
N GLY A 37 20.88 -8.85 13.34
CA GLY A 37 19.86 -8.60 14.34
C GLY A 37 18.49 -9.15 14.06
N LEU A 38 18.19 -9.40 12.78
CA LEU A 38 16.86 -9.89 12.43
C LEU A 38 16.62 -11.36 12.74
N VAL A 39 17.70 -12.11 12.94
CA VAL A 39 17.62 -13.54 13.25
C VAL A 39 16.79 -13.86 14.50
N THR A 40 16.89 -13.01 15.53
CA THR A 40 16.13 -13.23 16.74
C THR A 40 14.63 -13.14 16.51
N PRO A 41 14.18 -12.07 15.84
CA PRO A 41 12.75 -11.87 15.54
C PRO A 41 12.21 -13.04 14.73
N ARG A 42 13.02 -13.52 13.80
CA ARG A 42 12.63 -14.65 12.98
C ARG A 42 12.36 -15.87 13.85
N MET A 43 13.43 -16.37 14.49
CA MET A 43 13.33 -17.55 15.36
C MET A 43 12.18 -17.41 16.34
N ALA A 44 12.12 -16.27 17.00
CA ALA A 44 11.06 -16.02 17.95
C ALA A 44 9.65 -16.19 17.35
N GLU A 45 9.56 -16.21 16.02
CA GLU A 45 8.26 -16.36 15.37
C GLU A 45 8.11 -17.74 14.79
N VAL A 46 9.06 -18.15 13.96
CA VAL A 46 9.00 -19.48 13.36
C VAL A 46 8.64 -20.45 14.48
N ALA A 47 9.39 -20.33 15.57
CA ALA A 47 9.22 -21.16 16.75
C ALA A 47 7.85 -21.01 17.40
N SER A 48 7.43 -19.79 17.65
CA SER A 48 6.15 -19.63 18.32
C SER A 48 4.96 -19.83 17.39
N ARG A 49 5.14 -20.61 16.33
CA ARG A 49 4.05 -20.82 15.36
C ARG A 49 3.59 -22.26 15.13
N ASP A 50 2.39 -22.56 15.62
CA ASP A 50 1.77 -23.88 15.47
C ASP A 50 1.79 -24.32 14.02
N PRO A 51 2.56 -25.36 13.71
CA PRO A 51 2.67 -25.86 12.33
C PRO A 51 1.32 -26.21 11.72
N LYS A 52 0.38 -26.60 12.57
CA LYS A 52 -0.95 -26.98 12.11
C LYS A 52 -1.62 -25.89 11.29
N LEU A 53 -2.29 -24.98 11.99
CA LEU A 53 -2.99 -23.89 11.35
C LEU A 53 -2.10 -23.11 10.38
N TYR A 54 -0.79 -23.10 10.63
CA TYR A 54 0.08 -22.36 9.73
C TYR A 54 -0.03 -22.88 8.32
N ALA A 55 0.60 -24.03 8.05
CA ALA A 55 0.57 -24.63 6.73
C ALA A 55 -0.78 -24.51 6.00
N MET A 56 -1.85 -24.22 6.73
CA MET A 56 -3.17 -24.09 6.13
C MET A 56 -3.68 -22.65 6.01
N HIS A 57 -3.04 -21.74 6.73
CA HIS A 57 -3.41 -20.33 6.72
C HIS A 57 -4.89 -19.98 6.66
N PRO A 58 -5.66 -20.34 7.69
CA PRO A 58 -7.08 -20.01 7.65
C PRO A 58 -7.18 -18.50 7.49
N TRP A 59 -8.26 -18.01 6.88
CA TRP A 59 -8.42 -16.58 6.66
C TRP A 59 -9.75 -16.18 7.21
N VAL A 60 -9.72 -15.60 8.39
CA VAL A 60 -10.95 -15.20 9.08
C VAL A 60 -10.91 -13.77 9.56
N THR A 61 -12.07 -13.29 9.97
CA THR A 61 -12.20 -11.93 10.48
C THR A 61 -12.91 -11.97 11.82
N SER A 62 -13.12 -10.81 12.43
CA SER A 62 -13.79 -10.73 13.72
C SER A 62 -14.81 -9.62 13.64
N LYS A 63 -14.69 -8.79 12.60
CA LYS A 63 -15.61 -7.69 12.42
C LYS A 63 -17.03 -8.26 12.35
N PRO A 64 -18.01 -7.51 12.88
CA PRO A 64 -19.40 -8.00 12.85
C PRO A 64 -19.90 -8.16 11.42
N LEU A 65 -20.57 -9.27 11.16
CA LEU A 65 -21.12 -9.52 9.83
C LEU A 65 -21.97 -8.34 9.39
N PRO A 66 -21.61 -7.72 8.26
CA PRO A 66 -22.36 -6.57 7.74
C PRO A 66 -23.81 -6.90 7.41
N GLU A 67 -24.66 -5.87 7.47
CA GLU A 67 -26.08 -6.02 7.19
C GLU A 67 -26.36 -6.64 5.82
N TYR A 68 -26.04 -5.89 4.76
CA TYR A 68 -26.28 -6.35 3.40
C TYR A 68 -26.08 -7.83 3.20
N LEU A 69 -25.21 -8.43 4.01
CA LEU A 69 -24.93 -9.86 3.88
C LEU A 69 -25.78 -10.70 4.83
N TRP A 70 -26.32 -10.06 5.88
CA TRP A 70 -27.18 -10.74 6.82
C TRP A 70 -28.56 -10.79 6.19
N LYS A 71 -28.96 -9.67 5.59
CA LYS A 71 -30.26 -9.56 4.95
C LYS A 71 -30.45 -10.68 3.94
N LYS A 72 -29.39 -10.99 3.18
CA LYS A 72 -29.44 -12.05 2.19
C LYS A 72 -29.53 -13.41 2.86
N ILE A 73 -29.89 -13.40 4.13
CA ILE A 73 -30.04 -14.62 4.91
C ILE A 73 -30.65 -14.30 6.27
N ALA A 74 -31.73 -13.52 6.26
CA ALA A 74 -32.41 -13.16 7.50
C ALA A 74 -33.29 -14.33 7.91
N ASN A 75 -32.75 -15.54 7.77
CA ASN A 75 -33.47 -16.76 8.12
C ASN A 75 -32.56 -17.70 8.92
N ASN A 76 -31.37 -17.23 9.26
CA ASN A 76 -30.42 -18.01 10.04
C ASN A 76 -30.17 -19.42 9.45
N CYS A 77 -29.69 -19.47 8.20
CA CYS A 77 -29.44 -20.76 7.54
C CYS A 77 -28.41 -20.65 6.41
N ILE A 78 -27.43 -21.55 6.40
CA ILE A 78 -26.40 -21.57 5.36
C ILE A 78 -26.05 -23.00 4.96
N PHE A 79 -26.08 -23.28 3.66
CA PHE A 79 -25.78 -24.63 3.18
C PHE A 79 -24.34 -24.78 2.69
N ILE A 80 -23.68 -25.83 3.17
CA ILE A 80 -22.30 -26.10 2.77
C ILE A 80 -22.18 -27.45 2.08
N VAL A 81 -22.08 -27.42 0.76
CA VAL A 81 -21.97 -28.63 -0.06
C VAL A 81 -20.61 -29.29 0.15
N ILE A 82 -20.57 -30.38 0.88
CA ILE A 82 -19.32 -31.07 1.15
C ILE A 82 -19.03 -32.23 0.20
N HIS A 83 -18.10 -32.03 -0.71
CA HIS A 83 -17.74 -33.09 -1.65
C HIS A 83 -16.86 -34.13 -0.97
N SER A 88 -21.44 -35.33 -3.34
CA SER A 88 -22.07 -34.01 -3.36
C SER A 88 -23.14 -33.91 -2.29
N GLN A 89 -22.89 -34.54 -1.15
CA GLN A 89 -23.84 -34.50 -0.04
C GLN A 89 -23.90 -33.08 0.52
N THR A 90 -25.03 -32.42 0.31
CA THR A 90 -25.24 -31.04 0.75
C THR A 90 -25.71 -30.93 2.20
N ILE A 91 -25.12 -30.01 2.95
CA ILE A 91 -25.50 -29.81 4.35
C ILE A 91 -25.99 -28.37 4.56
N LYS A 92 -26.61 -28.13 5.70
CA LYS A 92 -27.12 -26.80 6.04
C LYS A 92 -26.69 -26.49 7.46
N VAL A 93 -25.73 -25.57 7.62
CA VAL A 93 -25.24 -25.20 8.93
C VAL A 93 -25.79 -23.88 9.43
N SER A 94 -25.36 -23.51 10.63
CA SER A 94 -25.78 -22.27 11.25
C SER A 94 -24.63 -21.27 11.27
N PRO A 95 -24.94 -19.98 11.10
CA PRO A 95 -23.99 -18.87 11.08
C PRO A 95 -23.14 -18.84 12.35
N ASP A 96 -23.14 -19.94 13.09
CA ASP A 96 -22.38 -20.03 14.32
C ASP A 96 -21.82 -21.43 14.52
N ASP A 97 -21.56 -22.14 13.43
CA ASP A 97 -21.04 -23.50 13.53
C ASP A 97 -19.59 -23.67 13.07
N THR A 98 -18.72 -24.06 14.00
CA THR A 98 -17.32 -24.27 13.66
C THR A 98 -17.13 -25.35 12.61
N PRO A 99 -15.96 -25.36 11.95
CA PRO A 99 -15.67 -26.35 10.92
C PRO A 99 -15.94 -27.77 11.43
N GLY A 100 -15.88 -27.93 12.74
CA GLY A 100 -16.14 -29.22 13.35
C GLY A 100 -17.61 -29.60 13.24
N ALA A 101 -18.47 -28.67 13.62
CA ALA A 101 -19.91 -28.90 13.55
C ALA A 101 -20.27 -29.24 12.10
N ILE A 102 -19.58 -28.60 11.17
CA ILE A 102 -19.82 -28.84 9.76
C ILE A 102 -19.23 -30.20 9.39
N LEU A 103 -18.40 -30.73 10.29
CA LEU A 103 -17.80 -32.04 10.09
C LEU A 103 -18.64 -33.08 10.81
N GLN A 104 -19.39 -32.62 11.81
CA GLN A 104 -20.28 -33.51 12.56
C GLN A 104 -21.27 -34.09 11.56
N SER A 105 -21.94 -33.20 10.84
CA SER A 105 -22.91 -33.62 9.84
C SER A 105 -22.24 -34.64 8.90
N PHE A 106 -21.76 -34.16 7.76
CA PHE A 106 -21.11 -35.05 6.79
C PHE A 106 -20.00 -35.82 7.49
N PHE A 107 -20.38 -37.00 7.99
CA PHE A 107 -19.50 -37.93 8.69
C PHE A 107 -20.36 -38.89 9.51
N THR A 108 -21.52 -38.40 9.94
CA THR A 108 -22.46 -39.19 10.72
C THR A 108 -23.88 -38.64 10.52
N GLU A 125 -9.38 -40.74 11.82
CA GLU A 125 -10.72 -40.50 11.28
C GLU A 125 -10.95 -39.01 11.03
N GLN A 126 -10.32 -38.18 11.87
CA GLN A 126 -10.45 -36.73 11.73
C GLN A 126 -9.39 -36.24 10.74
N ASP A 127 -8.76 -37.20 10.05
CA ASP A 127 -7.73 -36.89 9.07
C ASP A 127 -8.27 -36.13 7.86
N PHE A 128 -9.39 -35.44 8.04
CA PHE A 128 -9.96 -34.67 6.95
C PHE A 128 -10.10 -33.20 7.31
N VAL A 129 -10.06 -32.36 6.28
CA VAL A 129 -10.20 -30.92 6.44
C VAL A 129 -11.05 -30.37 5.31
N LEU A 130 -11.93 -29.42 5.61
CA LEU A 130 -12.78 -28.83 4.58
C LEU A 130 -12.04 -27.78 3.74
N ARG A 131 -11.51 -28.21 2.60
CA ARG A 131 -10.79 -27.30 1.71
C ARG A 131 -11.80 -26.75 0.72
N VAL A 132 -11.42 -25.72 -0.03
CA VAL A 132 -12.34 -25.13 -1.00
C VAL A 132 -12.02 -25.55 -2.42
N CYS A 133 -13.05 -25.82 -3.20
CA CYS A 133 -12.88 -26.25 -4.59
C CYS A 133 -12.37 -25.16 -5.51
N GLY A 134 -11.19 -25.42 -6.08
CA GLY A 134 -10.56 -24.47 -6.98
C GLY A 134 -9.46 -23.70 -6.26
N ARG A 135 -9.81 -22.97 -5.24
CA ARG A 135 -8.74 -22.19 -4.56
C ARG A 135 -7.92 -23.06 -3.55
N ASP A 136 -7.13 -22.44 -2.66
CA ASP A 136 -6.36 -23.06 -1.57
C ASP A 136 -6.92 -22.45 -0.32
N GLU A 137 -8.10 -22.78 0.03
CA GLU A 137 -8.68 -22.06 1.14
C GLU A 137 -9.40 -22.97 2.08
N TYR A 138 -8.65 -23.42 3.04
CA TYR A 138 -9.26 -24.36 3.98
C TYR A 138 -10.18 -23.67 4.98
N LEU A 139 -11.33 -24.30 5.22
CA LEU A 139 -12.30 -23.79 6.18
C LEU A 139 -12.07 -24.55 7.48
N VAL A 140 -10.81 -24.55 7.93
CA VAL A 140 -10.40 -25.22 9.15
C VAL A 140 -10.13 -24.21 10.25
N GLY A 141 -9.89 -24.70 11.47
CA GLY A 141 -9.61 -23.82 12.59
C GLY A 141 -10.82 -23.57 13.48
N GLU A 142 -10.58 -23.32 14.76
CA GLU A 142 -11.69 -23.08 15.69
C GLU A 142 -12.31 -21.70 15.45
N THR A 143 -12.92 -21.53 14.29
CA THR A 143 -13.54 -20.27 13.92
C THR A 143 -14.99 -20.50 13.51
N PRO A 144 -15.86 -19.52 13.77
CA PRO A 144 -17.27 -19.62 13.42
C PRO A 144 -17.43 -19.61 11.90
N ILE A 145 -18.25 -20.51 11.39
CA ILE A 145 -18.50 -20.60 9.96
C ILE A 145 -18.59 -19.23 9.32
N LYS A 146 -19.54 -18.41 9.78
CA LYS A 146 -19.75 -17.08 9.23
C LYS A 146 -18.52 -16.19 9.29
N ASN A 147 -17.47 -16.68 9.95
CA ASN A 147 -16.25 -15.91 10.07
C ASN A 147 -15.15 -16.28 9.09
N PHE A 148 -15.54 -16.77 7.93
CA PHE A 148 -14.58 -17.13 6.90
C PHE A 148 -14.80 -16.26 5.67
N GLN A 149 -13.72 -15.57 5.24
CA GLN A 149 -13.75 -14.66 4.11
C GLN A 149 -14.36 -15.31 2.89
N TRP A 150 -14.11 -16.60 2.73
CA TRP A 150 -14.64 -17.32 1.61
C TRP A 150 -16.15 -17.35 1.74
N VAL A 151 -16.63 -17.72 2.93
CA VAL A 151 -18.06 -17.79 3.19
C VAL A 151 -18.75 -16.47 2.87
N ARG A 152 -18.18 -15.36 3.36
CA ARG A 152 -18.77 -14.06 3.11
C ARG A 152 -18.68 -13.70 1.63
N HIS A 153 -17.60 -14.13 0.97
CA HIS A 153 -17.44 -13.86 -0.45
C HIS A 153 -18.59 -14.52 -1.15
N CYS A 154 -18.86 -15.77 -0.78
CA CYS A 154 -19.95 -16.55 -1.34
C CYS A 154 -21.27 -15.82 -1.13
N LEU A 155 -21.46 -15.28 0.06
CA LEU A 155 -22.68 -14.54 0.36
C LEU A 155 -22.73 -13.30 -0.53
N LYS A 156 -21.58 -12.66 -0.69
CA LYS A 156 -21.49 -11.47 -1.53
C LYS A 156 -21.88 -11.79 -2.96
N ASN A 157 -21.12 -12.70 -3.60
CA ASN A 157 -21.38 -13.08 -4.98
C ASN A 157 -22.65 -13.94 -5.11
N GLY A 158 -23.42 -14.04 -4.03
CA GLY A 158 -24.63 -14.83 -4.06
C GLY A 158 -24.36 -16.22 -4.60
N GLU A 159 -23.14 -16.69 -4.40
CA GLU A 159 -22.73 -18.01 -4.86
C GLU A 159 -22.98 -19.08 -3.81
N GLU A 160 -22.55 -20.29 -4.11
CA GLU A 160 -22.73 -21.43 -3.21
C GLU A 160 -21.39 -22.02 -2.76
N ILE A 161 -21.22 -22.11 -1.45
CA ILE A 161 -20.00 -22.67 -0.88
C ILE A 161 -19.77 -24.08 -1.39
N HIS A 162 -18.51 -24.47 -1.52
CA HIS A 162 -18.16 -25.80 -2.00
C HIS A 162 -16.83 -26.27 -1.42
N VAL A 163 -16.85 -27.35 -0.66
CA VAL A 163 -15.64 -27.87 -0.07
C VAL A 163 -15.24 -29.16 -0.74
N VAL A 164 -14.32 -29.88 -0.11
CA VAL A 164 -13.80 -31.13 -0.62
C VAL A 164 -13.14 -31.88 0.53
N LEU A 165 -13.50 -33.14 0.71
CA LEU A 165 -12.89 -33.93 1.77
C LEU A 165 -11.41 -34.05 1.41
N ASP A 166 -10.62 -33.14 1.97
CA ASP A 166 -9.19 -33.10 1.70
C ASP A 166 -8.40 -33.41 2.98
N THR A 167 -7.25 -34.04 2.83
CA THR A 167 -6.42 -34.36 3.98
C THR A 167 -5.57 -33.15 4.37
N PRO A 168 -5.50 -32.86 5.66
CA PRO A 168 -4.72 -31.71 6.12
C PRO A 168 -3.25 -31.80 5.71
N PRO A 169 -2.73 -30.73 5.08
CA PRO A 169 -1.38 -30.49 4.56
C PRO A 169 -0.24 -30.79 5.52
N ASP A 170 0.80 -31.43 4.99
CA ASP A 170 1.97 -31.81 5.75
C ASP A 170 2.92 -30.65 6.02
N PRO A 171 2.82 -30.07 7.23
CA PRO A 171 3.66 -28.94 7.63
C PRO A 171 5.15 -29.24 7.53
N ALA A 172 5.49 -30.51 7.35
CA ALA A 172 6.89 -30.88 7.25
C ALA A 172 7.54 -30.08 6.14
N LEU A 173 6.76 -29.79 5.10
CA LEU A 173 7.24 -29.02 3.95
C LEU A 173 7.60 -27.60 4.38
N ASP A 174 6.99 -27.15 5.47
CA ASP A 174 7.22 -25.81 6.00
C ASP A 174 8.40 -25.76 6.99
N GLU A 175 9.43 -26.57 6.75
CA GLU A 175 10.57 -26.56 7.65
C GLU A 175 11.62 -25.55 7.20
N VAL A 176 12.01 -24.68 8.11
CA VAL A 176 13.00 -23.65 7.80
C VAL A 176 14.42 -24.16 7.95
N ARG A 177 15.13 -24.34 6.84
CA ARG A 177 16.51 -24.79 6.87
C ARG A 177 17.23 -24.02 7.98
N LYS A 178 17.90 -24.74 8.87
CA LYS A 178 18.60 -24.12 9.99
C LYS A 178 19.81 -23.30 9.57
N GLU A 179 20.46 -22.68 10.56
CA GLU A 179 21.64 -21.86 10.30
C GLU A 179 22.89 -22.49 10.88
N CYS A 215 30.75 15.50 24.71
CA CYS A 215 31.36 16.83 24.72
C CYS A 215 30.32 17.93 24.57
N ASP A 216 30.66 19.11 25.07
CA ASP A 216 29.77 20.26 24.98
C ASP A 216 30.26 21.14 23.84
N ARG A 217 31.03 20.53 22.94
CA ARG A 217 31.57 21.23 21.79
C ARG A 217 30.45 21.35 20.77
N LYS A 218 30.44 22.44 20.02
CA LYS A 218 29.41 22.62 19.01
C LYS A 218 29.75 21.69 17.86
N PHE A 219 28.74 21.05 17.27
CA PHE A 219 28.97 20.15 16.15
C PHE A 219 29.61 20.87 14.98
N ARG A 220 30.60 20.23 14.39
CA ARG A 220 31.29 20.80 13.23
C ARG A 220 31.45 19.74 12.16
N VAL A 221 31.49 20.15 10.91
CA VAL A 221 31.65 19.24 9.80
C VAL A 221 32.55 19.88 8.76
N LYS A 222 33.44 19.08 8.16
CA LYS A 222 34.36 19.58 7.14
C LYS A 222 33.93 19.16 5.73
N ILE A 223 33.76 20.16 4.87
CA ILE A 223 33.34 19.94 3.50
C ILE A 223 34.50 20.09 2.52
N ARG A 224 35.15 18.98 2.16
CA ARG A 224 36.29 19.00 1.24
C ARG A 224 35.96 19.47 -0.16
N GLY A 225 34.86 18.98 -0.72
CA GLY A 225 34.49 19.38 -2.06
C GLY A 225 33.64 18.36 -2.80
N ILE A 226 33.24 18.69 -4.03
CA ILE A 226 32.41 17.80 -4.82
C ILE A 226 33.05 17.42 -6.17
N ASP A 227 33.03 16.14 -6.50
CA ASP A 227 33.58 15.71 -7.77
C ASP A 227 32.56 15.02 -8.65
N ILE A 228 32.65 15.31 -9.94
CA ILE A 228 31.78 14.70 -10.93
C ILE A 228 32.61 14.42 -12.18
N PRO A 229 32.33 13.30 -12.87
CA PRO A 229 33.07 12.95 -14.09
C PRO A 229 32.84 13.99 -15.18
N VAL A 230 31.59 14.40 -15.32
CA VAL A 230 31.19 15.40 -16.29
C VAL A 230 29.94 16.15 -15.84
N LEU A 231 30.10 17.44 -15.60
CA LEU A 231 29.02 18.32 -15.16
C LEU A 231 27.64 17.90 -15.66
N LEU A 237 29.03 27.18 -13.55
CA LEU A 237 28.26 28.24 -12.92
C LEU A 237 28.59 28.27 -11.44
N THR A 238 27.79 28.99 -10.66
CA THR A 238 27.99 29.08 -9.23
C THR A 238 27.30 27.88 -8.57
N VAL A 239 27.91 27.39 -7.51
CA VAL A 239 27.39 26.23 -6.81
C VAL A 239 27.85 26.22 -5.37
N PHE A 240 26.94 25.90 -4.46
CA PHE A 240 27.29 25.81 -3.05
C PHE A 240 26.71 24.55 -2.41
N VAL A 241 27.24 24.22 -1.25
CA VAL A 241 26.82 23.05 -0.50
C VAL A 241 26.09 23.53 0.75
N GLU A 242 24.89 23.02 0.99
CA GLU A 242 24.10 23.41 2.15
C GLU A 242 23.85 22.28 3.13
N ALA A 243 24.76 22.10 4.08
CA ALA A 243 24.56 21.05 5.06
C ALA A 243 23.42 21.48 5.99
N ASN A 244 22.58 20.53 6.39
CA ASN A 244 21.45 20.80 7.28
C ASN A 244 21.31 19.71 8.32
N ILE A 245 21.31 20.05 9.60
CA ILE A 245 21.13 19.01 10.63
C ILE A 245 19.62 18.77 10.79
N GLN A 246 19.12 17.71 10.15
CA GLN A 246 17.70 17.40 10.20
C GLN A 246 17.29 16.31 11.16
N HIS A 247 16.00 16.30 11.44
CA HIS A 247 15.40 15.36 12.34
C HIS A 247 13.90 15.50 12.17
N GLY A 248 13.22 14.40 11.88
CA GLY A 248 11.78 14.44 11.70
C GLY A 248 11.45 15.32 10.52
N GLN A 249 12.33 15.31 9.52
CA GLN A 249 12.14 16.12 8.33
C GLN A 249 12.01 17.58 8.73
N GLN A 250 12.49 17.88 9.94
CA GLN A 250 12.49 19.24 10.45
C GLN A 250 13.94 19.74 10.55
N VAL A 251 14.28 20.73 9.75
CA VAL A 251 15.62 21.29 9.78
C VAL A 251 15.85 21.89 11.17
N LEU A 252 17.10 21.94 11.60
CA LEU A 252 17.41 22.50 12.91
C LEU A 252 18.40 23.62 12.67
N CYS A 253 19.67 23.29 12.58
CA CYS A 253 20.68 24.31 12.30
C CYS A 253 20.79 24.33 10.78
N GLN A 254 21.75 25.10 10.25
CA GLN A 254 21.90 25.16 8.81
C GLN A 254 23.11 26.01 8.40
N ARG A 255 24.15 25.36 7.89
CA ARG A 255 25.35 26.06 7.48
C ARG A 255 25.64 25.86 5.99
N ARG A 256 26.18 26.89 5.33
CA ARG A 256 26.48 26.81 3.90
C ARG A 256 27.95 26.96 3.50
N THR A 257 28.14 27.24 2.21
CA THR A 257 29.47 27.41 1.64
C THR A 257 29.50 28.60 0.70
N SER A 258 30.71 29.09 0.44
CA SER A 258 30.90 30.21 -0.45
C SER A 258 30.72 29.73 -1.88
N PRO A 259 29.87 30.41 -2.65
CA PRO A 259 29.57 30.08 -4.05
C PRO A 259 30.75 30.07 -5.05
N LYS A 260 31.59 29.05 -4.96
CA LYS A 260 32.74 28.91 -5.85
C LYS A 260 32.32 28.41 -7.24
N PRO A 261 33.26 28.37 -8.20
CA PRO A 261 32.93 27.90 -9.54
C PRO A 261 32.44 26.46 -9.56
N PHE A 262 31.65 26.12 -10.58
CA PHE A 262 31.08 24.78 -10.70
C PHE A 262 31.79 23.96 -11.78
N THR A 263 32.73 23.13 -11.38
CA THR A 263 33.46 22.30 -12.33
C THR A 263 33.77 20.90 -11.79
N GLU A 264 33.96 19.95 -12.70
CA GLU A 264 34.25 18.54 -12.42
C GLU A 264 34.81 18.25 -11.04
N GLU A 265 35.52 19.22 -10.46
CA GLU A 265 36.06 19.07 -9.12
C GLU A 265 36.00 20.43 -8.44
N VAL A 266 35.67 20.45 -7.15
CA VAL A 266 35.63 21.70 -6.38
C VAL A 266 36.04 21.53 -4.93
N LEU A 267 37.16 22.11 -4.55
CA LEU A 267 37.64 22.00 -3.19
C LEU A 267 37.30 23.24 -2.36
N TRP A 268 36.73 23.02 -1.18
CA TRP A 268 36.37 24.09 -0.26
C TRP A 268 37.25 23.98 0.98
N ASN A 269 37.54 22.75 1.41
CA ASN A 269 38.36 22.46 2.59
C ASN A 269 37.93 23.32 3.77
N VAL A 270 36.64 23.59 3.85
CA VAL A 270 36.06 24.44 4.89
C VAL A 270 35.29 23.74 5.98
N TRP A 271 35.63 24.03 7.23
CA TRP A 271 34.91 23.45 8.37
C TRP A 271 33.63 24.23 8.53
N LEU A 272 32.55 23.53 8.87
CA LEU A 272 31.25 24.16 9.09
C LEU A 272 30.89 23.90 10.54
N GLU A 273 30.90 24.97 11.33
CA GLU A 273 30.61 24.89 12.75
C GLU A 273 29.14 25.19 13.01
N PHE A 274 28.35 24.16 13.28
CA PHE A 274 26.95 24.39 13.55
C PHE A 274 26.77 24.92 14.97
N SER A 275 25.53 25.24 15.33
CA SER A 275 25.25 25.74 16.66
C SER A 275 24.91 24.59 17.60
N ILE A 276 24.11 23.66 17.11
CA ILE A 276 23.70 22.50 17.91
C ILE A 276 24.91 21.84 18.55
N LYS A 277 24.84 21.56 19.84
CA LYS A 277 25.95 20.92 20.54
C LYS A 277 25.90 19.40 20.39
N ILE A 278 27.07 18.79 20.28
CA ILE A 278 27.19 17.35 20.11
C ILE A 278 26.21 16.58 20.99
N LYS A 279 25.82 17.21 22.09
CA LYS A 279 24.87 16.58 22.99
C LYS A 279 23.46 16.73 22.43
N ASP A 280 23.15 17.96 22.03
CA ASP A 280 21.85 18.29 21.48
C ASP A 280 21.44 17.39 20.33
N LEU A 281 22.42 16.71 19.73
CA LEU A 281 22.17 15.81 18.61
C LEU A 281 21.40 14.56 19.02
N PRO A 282 20.17 14.41 18.49
CA PRO A 282 19.31 13.26 18.80
C PRO A 282 19.48 12.11 17.78
N LYS A 283 19.43 10.89 18.30
CA LYS A 283 19.56 9.71 17.47
C LYS A 283 18.56 9.75 16.34
N GLY A 284 19.02 9.56 15.12
CA GLY A 284 18.12 9.58 14.00
C GLY A 284 18.05 10.95 13.37
N ALA A 285 19.15 11.67 13.42
CA ALA A 285 19.22 13.01 12.88
C ALA A 285 20.12 13.00 11.68
N LEU A 286 19.54 13.15 10.51
CA LEU A 286 20.28 13.16 9.27
C LEU A 286 21.25 14.32 9.15
N LEU A 287 22.30 14.10 8.38
CA LEU A 287 23.28 15.12 8.06
C LEU A 287 23.01 15.27 6.57
N ASN A 288 22.01 16.08 6.24
CA ASN A 288 21.62 16.29 4.86
C ASN A 288 22.55 17.24 4.15
N LEU A 289 23.12 16.76 3.05
CA LEU A 289 24.02 17.56 2.22
C LEU A 289 23.33 17.72 0.87
N GLN A 290 23.18 18.96 0.45
CA GLN A 290 22.53 19.23 -0.81
C GLN A 290 23.42 20.17 -1.59
N ILE A 291 23.21 20.23 -2.89
CA ILE A 291 24.03 21.06 -3.74
C ILE A 291 23.13 21.95 -4.52
N TYR A 292 23.39 23.26 -4.47
CA TYR A 292 22.60 24.24 -5.19
C TYR A 292 23.48 24.98 -6.20
N CYS A 293 22.85 25.65 -7.15
CA CYS A 293 23.58 26.41 -8.15
C CYS A 293 22.86 27.72 -8.45
N LEU A 318 18.92 23.27 -6.43
CA LEU A 318 19.01 21.91 -5.89
C LEU A 318 19.13 20.88 -7.00
N LEU A 319 20.32 20.31 -7.15
CA LEU A 319 20.54 19.32 -8.19
C LEU A 319 20.82 17.95 -7.65
N TYR A 320 21.58 17.89 -6.57
CA TYR A 320 21.97 16.61 -5.98
C TYR A 320 21.87 16.69 -4.47
N TYR A 321 21.55 15.57 -3.83
CA TYR A 321 21.45 15.56 -2.39
C TYR A 321 21.93 14.24 -1.87
N VAL A 322 22.19 14.17 -0.57
CA VAL A 322 22.66 12.95 0.05
C VAL A 322 22.56 13.08 1.58
N ASN A 323 22.41 11.96 2.28
CA ASN A 323 22.30 12.02 3.73
C ASN A 323 23.26 11.10 4.46
N LEU A 324 23.54 11.46 5.70
CA LEU A 324 24.43 10.67 6.54
C LEU A 324 23.86 10.69 7.94
N LEU A 325 23.73 9.52 8.55
CA LEU A 325 23.23 9.45 9.91
C LEU A 325 24.32 9.84 10.90
N LEU A 326 24.16 11.01 11.53
CA LEU A 326 25.13 11.50 12.51
C LEU A 326 25.43 10.44 13.59
N ILE A 327 24.40 9.95 14.25
CA ILE A 327 24.60 8.90 15.24
C ILE A 327 24.27 7.59 14.53
N ASP A 328 25.21 6.64 14.51
CA ASP A 328 24.99 5.36 13.83
C ASP A 328 24.19 4.33 14.64
N HIS A 329 23.87 3.21 13.99
CA HIS A 329 23.07 2.14 14.59
C HIS A 329 23.47 1.64 15.96
N ARG A 330 24.61 2.07 16.48
CA ARG A 330 25.04 1.64 17.82
C ARG A 330 25.15 2.83 18.75
N PHE A 331 24.35 3.86 18.48
CA PHE A 331 24.33 5.07 19.28
C PHE A 331 25.61 5.87 19.14
N LEU A 332 26.66 5.23 18.65
CA LEU A 332 27.93 5.90 18.47
C LEU A 332 27.70 7.08 17.52
N LEU A 333 28.58 8.08 17.58
CA LEU A 333 28.46 9.26 16.73
C LEU A 333 29.40 9.12 15.55
N ARG A 334 28.91 9.48 14.36
CA ARG A 334 29.71 9.35 13.15
C ARG A 334 30.97 10.17 13.21
N ARG A 335 32.10 9.52 12.94
CA ARG A 335 33.39 10.20 12.94
C ARG A 335 34.34 9.62 11.90
N GLY A 336 34.73 10.43 10.93
CA GLY A 336 35.66 9.96 9.92
C GLY A 336 35.58 10.64 8.57
N GLU A 337 36.34 10.10 7.62
CA GLU A 337 36.36 10.61 6.24
C GLU A 337 35.30 9.84 5.43
N TYR A 338 34.51 10.56 4.64
CA TYR A 338 33.47 9.95 3.83
C TYR A 338 33.45 10.54 2.43
N VAL A 339 33.13 9.70 1.44
CA VAL A 339 33.04 10.16 0.05
C VAL A 339 31.70 9.64 -0.46
N LEU A 340 30.67 10.47 -0.28
CA LEU A 340 29.30 10.15 -0.65
C LEU A 340 28.90 10.44 -2.10
N HIS A 341 28.30 9.44 -2.76
CA HIS A 341 27.83 9.58 -4.14
C HIS A 341 26.34 9.90 -4.05
N MET A 342 25.99 11.09 -4.54
CA MET A 342 24.65 11.64 -4.44
C MET A 342 23.57 11.24 -5.45
N TRP A 343 22.36 11.71 -5.19
CA TRP A 343 21.21 11.46 -6.05
C TRP A 343 20.89 12.77 -6.76
N GLN A 344 20.59 12.70 -8.04
CA GLN A 344 20.25 13.87 -8.83
C GLN A 344 18.77 14.13 -8.85
N ILE A 345 18.38 15.39 -8.87
CA ILE A 345 16.97 15.74 -8.90
C ILE A 345 16.42 15.75 -10.33
N SER A 346 15.16 15.30 -10.46
CA SER A 346 14.49 15.22 -11.75
C SER A 346 13.69 16.49 -12.04
N PHE A 355 9.97 16.88 0.35
CA PHE A 355 8.86 16.70 -0.58
C PHE A 355 8.46 15.23 -0.76
N ASN A 356 9.37 14.37 -1.19
CA ASN A 356 9.03 12.95 -1.31
C ASN A 356 9.99 12.11 -0.45
N ALA A 357 9.63 10.85 -0.24
CA ALA A 357 10.38 9.92 0.61
C ALA A 357 11.76 9.49 0.15
N ASP A 358 12.10 9.72 -1.12
CA ASP A 358 13.41 9.35 -1.62
C ASP A 358 14.46 10.26 -0.99
N LYS A 359 14.10 11.52 -0.81
CA LYS A 359 15.03 12.48 -0.24
C LYS A 359 15.41 12.18 1.20
N LEU A 360 14.85 11.13 1.79
CA LEU A 360 15.16 10.81 3.18
C LEU A 360 16.22 9.74 3.41
N THR A 361 16.38 8.86 2.42
CA THR A 361 17.28 7.70 2.47
C THR A 361 18.72 7.83 2.95
N SER A 362 19.18 6.80 3.66
CA SER A 362 20.56 6.73 4.16
C SER A 362 21.45 6.19 3.02
N ALA A 363 20.83 5.46 2.10
CA ALA A 363 21.49 4.89 0.94
C ALA A 363 22.11 5.91 0.01
N THR A 364 23.29 5.57 -0.51
CA THR A 364 23.96 6.44 -1.46
C THR A 364 23.77 5.84 -2.85
N ASN A 365 24.02 6.65 -3.86
CA ASN A 365 23.84 6.19 -5.21
C ASN A 365 24.77 5.01 -5.51
N PRO A 366 24.22 3.93 -6.09
CA PRO A 366 24.97 2.73 -6.44
C PRO A 366 25.83 2.99 -7.67
N ASP A 367 25.45 4.01 -8.45
CA ASP A 367 26.14 4.37 -9.69
C ASP A 367 27.28 5.37 -9.55
N LYS A 368 28.44 4.89 -9.11
CA LYS A 368 29.63 5.73 -8.94
C LYS A 368 30.33 6.06 -10.25
N GLU A 369 29.66 5.81 -11.37
CA GLU A 369 30.26 6.04 -12.68
C GLU A 369 30.03 7.44 -13.24
N ASN A 370 28.85 8.00 -12.96
CA ASN A 370 28.53 9.32 -13.48
C ASN A 370 27.72 10.13 -12.48
N SER A 371 27.81 9.75 -11.21
CA SER A 371 27.09 10.44 -10.16
C SER A 371 27.97 11.42 -9.42
N MET A 372 27.36 12.49 -8.92
CA MET A 372 28.08 13.50 -8.17
C MET A 372 28.63 12.95 -6.85
N SER A 373 29.81 13.40 -6.48
CA SER A 373 30.43 12.93 -5.27
C SER A 373 30.61 14.12 -4.33
N ILE A 374 30.71 13.83 -3.03
CA ILE A 374 30.91 14.88 -2.05
C ILE A 374 31.89 14.35 -1.02
N SER A 375 32.83 15.19 -0.61
CA SER A 375 33.83 14.78 0.37
C SER A 375 33.66 15.62 1.62
N ILE A 376 33.58 14.96 2.76
CA ILE A 376 33.41 15.65 4.02
C ILE A 376 34.22 14.92 5.07
N LEU A 377 34.53 15.62 6.16
CA LEU A 377 35.33 15.04 7.22
C LEU A 377 34.70 15.25 8.56
N LEU A 378 34.60 14.17 9.32
CA LEU A 378 34.03 14.17 10.66
C LEU A 378 35.10 13.63 11.62
N ASP A 379 36.07 14.46 11.95
CA ASP A 379 37.13 14.04 12.86
C ASP A 379 36.84 14.51 14.27
N ASN A 380 36.96 13.60 15.24
CA ASN A 380 36.73 13.94 16.63
C ASN A 380 36.95 12.76 17.56
N TYR A 381 36.63 12.96 18.83
CA TYR A 381 36.75 11.96 19.88
C TYR A 381 35.63 12.33 20.85
N CYS A 382 34.40 12.33 20.34
CA CYS A 382 33.21 12.70 21.09
C CYS A 382 32.50 11.57 21.82
N HIS A 383 32.40 10.42 21.16
CA HIS A 383 31.73 9.26 21.74
C HIS A 383 30.24 9.46 21.95
N PRO A 384 29.46 8.39 21.83
CA PRO A 384 27.99 8.26 21.96
C PRO A 384 27.38 8.45 23.35
N ILE A 385 26.12 8.03 23.46
CA ILE A 385 25.34 8.10 24.70
C ILE A 385 24.02 7.34 24.48
N ALA A 386 23.29 7.11 25.57
CA ALA A 386 22.02 6.39 25.50
C ALA A 386 21.11 6.83 26.63
N ARG A 402 1.25 18.01 37.09
CA ARG A 402 0.91 18.53 38.40
C ARG A 402 0.05 19.78 38.28
N ALA A 403 -0.59 20.18 39.38
CA ALA A 403 -1.45 21.35 39.40
C ALA A 403 -2.65 21.09 38.50
N GLU A 404 -3.24 22.16 37.98
CA GLU A 404 -4.40 22.04 37.12
C GLU A 404 -4.50 23.23 36.18
N MET A 405 -4.52 22.96 34.87
CA MET A 405 -4.62 24.00 33.86
C MET A 405 -5.89 24.83 34.07
N PRO A 406 -5.82 26.16 33.84
CA PRO A 406 -6.93 27.08 33.99
C PRO A 406 -8.25 26.57 33.44
N ASN A 407 -8.91 27.38 32.62
CA ASN A 407 -10.19 26.99 32.04
C ASN A 407 -10.45 27.65 30.70
N GLN A 408 -9.59 28.59 30.32
CA GLN A 408 -9.76 29.25 29.04
C GLN A 408 -8.72 28.74 28.07
N LEU A 409 -7.57 28.35 28.61
CA LEU A 409 -6.48 27.82 27.81
C LEU A 409 -6.78 26.37 27.48
N ARG A 410 -7.31 25.64 28.45
CA ARG A 410 -7.68 24.25 28.22
C ARG A 410 -8.58 24.19 27.00
N LYS A 411 -9.43 25.20 26.85
CA LYS A 411 -10.33 25.26 25.71
C LYS A 411 -9.49 25.48 24.46
N GLN A 412 -8.47 26.33 24.57
CA GLN A 412 -7.59 26.62 23.45
C GLN A 412 -6.89 25.33 23.03
N LEU A 413 -6.53 24.54 24.03
CA LEU A 413 -5.87 23.26 23.80
C LEU A 413 -6.85 22.36 23.07
N GLU A 414 -7.98 22.03 23.71
CA GLU A 414 -8.98 21.16 23.09
C GLU A 414 -9.30 21.58 21.65
N ALA A 415 -9.27 22.89 21.40
CA ALA A 415 -9.55 23.39 20.07
C ALA A 415 -8.46 22.85 19.14
N ILE A 416 -7.21 23.07 19.53
CA ILE A 416 -6.07 22.62 18.75
C ILE A 416 -6.16 21.12 18.54
N ILE A 417 -6.09 20.37 19.63
CA ILE A 417 -6.18 18.93 19.53
C ILE A 417 -7.59 18.58 19.10
N ALA A 418 -7.94 18.95 17.88
CA ALA A 418 -9.27 18.69 17.35
C ALA A 418 -9.32 19.00 15.86
N THR A 419 -8.23 19.56 15.35
CA THR A 419 -8.11 19.91 13.95
C THR A 419 -7.50 18.77 13.16
N ASP A 420 -7.56 18.85 11.82
CA ASP A 420 -7.01 17.80 10.98
C ASP A 420 -5.51 17.69 11.14
N PRO A 421 -4.90 16.61 10.63
CA PRO A 421 -3.46 16.38 10.72
C PRO A 421 -2.68 17.36 9.84
N LEU A 422 -3.39 18.04 8.96
CA LEU A 422 -2.77 19.00 8.07
C LEU A 422 -2.55 20.32 8.79
N ASN A 423 -3.62 20.87 9.32
CA ASN A 423 -3.58 22.13 10.05
C ASN A 423 -2.23 22.36 10.72
N PRO A 424 -1.45 23.31 10.20
CA PRO A 424 -0.12 23.63 10.74
C PRO A 424 -0.21 24.14 12.17
N LEU A 425 0.85 23.92 12.94
CA LEU A 425 0.89 24.35 14.33
C LEU A 425 1.72 25.61 14.44
N THR A 426 1.10 26.69 14.92
CA THR A 426 1.79 27.95 15.07
C THR A 426 2.73 27.88 16.26
N ALA A 427 3.81 28.63 16.21
CA ALA A 427 4.79 28.65 17.29
C ALA A 427 4.07 28.78 18.62
N GLU A 428 2.96 29.52 18.61
CA GLU A 428 2.13 29.75 19.80
C GLU A 428 1.50 28.43 20.25
N ASP A 429 0.82 27.76 19.31
CA ASP A 429 0.17 26.48 19.56
C ASP A 429 1.13 25.53 20.29
N LYS A 430 2.32 25.38 19.73
CA LYS A 430 3.32 24.48 20.27
C LYS A 430 3.73 24.76 21.70
N GLU A 431 4.15 25.99 21.95
CA GLU A 431 4.58 26.38 23.28
C GLU A 431 3.52 26.05 24.32
N LEU A 432 2.25 26.14 23.91
CA LEU A 432 1.11 25.86 24.78
C LEU A 432 0.93 24.38 25.04
N LEU A 433 1.01 23.61 23.95
CA LEU A 433 0.87 22.17 23.90
C LEU A 433 1.95 21.42 24.72
N TRP A 434 3.13 22.00 24.80
CA TRP A 434 4.21 21.39 25.55
C TRP A 434 4.17 21.80 27.00
N HIS A 435 3.73 23.03 27.26
CA HIS A 435 3.69 23.49 28.64
C HIS A 435 2.71 22.64 29.41
N PHE A 436 1.68 22.17 28.73
CA PHE A 436 0.69 21.32 29.37
C PHE A 436 0.80 19.85 28.93
N ARG A 437 2.05 19.41 28.76
CA ARG A 437 2.39 18.05 28.37
C ARG A 437 1.47 17.00 28.98
N TYR A 438 1.41 16.98 30.30
CA TYR A 438 0.62 16.00 31.03
C TYR A 438 -0.88 16.08 30.86
N GLU A 439 -1.37 17.17 30.30
CA GLU A 439 -2.80 17.26 30.06
C GLU A 439 -3.01 16.75 28.63
N SER A 440 -2.21 17.28 27.71
CA SER A 440 -2.30 16.88 26.32
C SER A 440 -2.04 15.39 26.23
N LEU A 441 -1.26 14.87 27.16
CA LEU A 441 -0.96 13.45 27.19
C LEU A 441 -2.15 12.59 27.61
N LYS A 442 -3.29 13.22 27.92
CA LYS A 442 -4.48 12.49 28.34
C LYS A 442 -5.32 12.12 27.12
N HIS A 443 -5.32 13.00 26.14
CA HIS A 443 -6.07 12.78 24.91
C HIS A 443 -5.13 12.17 23.86
N PRO A 444 -5.34 10.90 23.48
CA PRO A 444 -4.48 10.27 22.47
C PRO A 444 -4.42 11.03 21.13
N LYS A 445 -5.55 11.50 20.64
CA LYS A 445 -5.55 12.27 19.40
C LYS A 445 -4.65 13.50 19.52
N ALA A 446 -4.02 13.67 20.67
CA ALA A 446 -3.14 14.81 20.87
C ALA A 446 -1.67 14.43 20.73
N TYR A 447 -1.39 13.14 20.72
CA TYR A 447 -0.01 12.71 20.62
C TYR A 447 0.71 13.30 19.43
N PRO A 448 0.22 13.04 18.20
CA PRO A 448 0.88 13.58 17.01
C PRO A 448 1.28 15.05 17.19
N LYS A 449 0.29 15.91 17.40
CA LYS A 449 0.55 17.34 17.56
C LYS A 449 1.47 17.61 18.71
N LEU A 450 1.32 16.85 19.78
CA LEU A 450 2.14 17.02 20.96
C LEU A 450 3.60 16.69 20.70
N PHE A 451 3.86 15.57 20.02
CA PHE A 451 5.24 15.18 19.75
C PHE A 451 5.85 15.88 18.56
N SER A 452 5.04 16.71 17.90
CA SER A 452 5.52 17.48 16.79
C SER A 452 5.82 18.87 17.34
N SER A 453 5.63 19.02 18.65
CA SER A 453 5.86 20.29 19.31
C SER A 453 7.01 20.15 20.30
N VAL A 454 7.86 19.18 20.03
CA VAL A 454 9.01 18.93 20.88
C VAL A 454 10.26 19.43 20.19
N LYS A 455 11.19 19.92 21.00
CA LYS A 455 12.46 20.42 20.50
C LYS A 455 13.49 19.33 20.72
N TRP A 456 13.68 18.51 19.68
CA TRP A 456 14.62 17.41 19.73
C TRP A 456 16.06 17.93 19.73
N GLY A 457 16.19 19.22 19.47
CA GLY A 457 17.49 19.86 19.49
C GLY A 457 17.96 20.16 20.91
N GLN A 458 17.26 19.60 21.90
CA GLN A 458 17.64 19.80 23.28
C GLN A 458 17.60 18.51 24.08
N GLN A 459 18.76 17.97 24.39
CA GLN A 459 18.85 16.72 25.13
C GLN A 459 17.91 16.73 26.33
N GLU A 460 17.81 17.89 26.99
CA GLU A 460 16.96 18.07 28.16
C GLU A 460 15.45 17.98 27.83
N ILE A 461 15.03 18.67 26.78
CA ILE A 461 13.62 18.61 26.40
C ILE A 461 13.30 17.17 26.02
N VAL A 462 14.18 16.58 25.22
CA VAL A 462 13.96 15.21 24.77
C VAL A 462 13.93 14.31 25.97
N ALA A 463 14.84 14.59 26.91
CA ALA A 463 14.92 13.80 28.13
C ALA A 463 13.54 13.72 28.77
N LYS A 464 12.92 14.87 28.92
CA LYS A 464 11.59 14.94 29.51
C LYS A 464 10.65 14.08 28.69
N THR A 465 10.63 14.33 27.38
CA THR A 465 9.78 13.58 26.45
C THR A 465 9.81 12.09 26.78
N TYR A 466 10.99 11.50 26.80
CA TYR A 466 11.11 10.09 27.09
C TYR A 466 10.47 9.74 28.43
N GLN A 467 10.76 10.54 29.44
CA GLN A 467 10.20 10.30 30.76
C GLN A 467 8.71 10.60 30.73
N LEU A 468 8.26 11.21 29.63
CA LEU A 468 6.85 11.53 29.48
C LEU A 468 6.13 10.33 28.89
N LEU A 469 6.86 9.55 28.11
CA LEU A 469 6.31 8.36 27.45
C LEU A 469 6.09 7.23 28.44
N ALA A 470 6.97 7.13 29.43
CA ALA A 470 6.85 6.08 30.43
C ALA A 470 5.55 6.22 31.20
N ARG A 471 4.99 7.43 31.16
CA ARG A 471 3.76 7.73 31.87
C ARG A 471 2.53 7.58 30.97
N ARG A 472 2.64 6.73 29.95
CA ARG A 472 1.52 6.56 29.05
C ARG A 472 0.67 5.32 29.36
N GLU A 473 -0.49 5.58 29.94
CA GLU A 473 -1.44 4.52 30.26
C GLU A 473 -2.64 4.82 29.38
N VAL A 474 -3.15 6.05 29.45
CA VAL A 474 -4.29 6.42 28.63
C VAL A 474 -4.05 5.96 27.19
N TRP A 475 -2.80 6.09 26.74
CA TRP A 475 -2.44 5.66 25.39
C TRP A 475 -2.57 4.16 25.23
N ASP A 476 -1.66 3.42 25.85
CA ASP A 476 -1.68 1.97 25.75
C ASP A 476 -2.92 1.35 26.36
N GLN A 477 -3.87 2.20 26.73
CA GLN A 477 -5.13 1.75 27.30
C GLN A 477 -6.30 2.23 26.45
N SER A 478 -6.03 3.19 25.57
CA SER A 478 -7.06 3.74 24.70
C SER A 478 -7.35 2.81 23.53
N ALA A 479 -8.45 3.06 22.83
CA ALA A 479 -8.83 2.23 21.69
C ALA A 479 -7.92 2.51 20.50
N LEU A 480 -7.49 1.44 19.83
CA LEU A 480 -6.60 1.52 18.67
C LEU A 480 -7.17 2.33 17.51
N ASP A 481 -6.45 3.38 17.13
CA ASP A 481 -6.85 4.25 16.03
C ASP A 481 -5.77 4.09 14.95
N VAL A 482 -6.11 3.46 13.82
CA VAL A 482 -5.12 3.26 12.77
C VAL A 482 -4.68 4.57 12.15
N GLY A 483 -5.64 5.46 11.92
CA GLY A 483 -5.31 6.76 11.35
C GLY A 483 -4.35 7.55 12.22
N LEU A 484 -4.49 7.42 13.54
CA LEU A 484 -3.65 8.10 14.50
C LEU A 484 -2.35 7.33 14.69
N THR A 485 -2.44 6.00 14.66
CA THR A 485 -1.25 5.19 14.81
C THR A 485 -0.36 5.38 13.58
N MET A 486 -0.98 5.61 12.42
CA MET A 486 -0.25 5.85 11.17
C MET A 486 0.46 7.21 11.16
N GLN A 487 -0.22 8.23 11.66
CA GLN A 487 0.35 9.57 11.71
C GLN A 487 1.66 9.53 12.48
N LEU A 488 1.77 8.63 13.45
CA LEU A 488 3.01 8.54 14.23
C LEU A 488 4.11 7.79 13.51
N LEU A 489 3.77 7.13 12.40
CA LEU A 489 4.79 6.43 11.62
C LEU A 489 5.22 7.17 10.35
N ASP A 490 4.76 8.40 10.17
CA ASP A 490 5.13 9.12 8.97
C ASP A 490 6.44 9.90 9.05
N CYS A 491 6.74 10.61 7.98
CA CYS A 491 7.96 11.40 7.83
C CYS A 491 8.20 12.46 8.91
N ASN A 492 7.15 12.79 9.66
CA ASN A 492 7.26 13.80 10.70
C ASN A 492 7.81 13.29 12.01
N PHE A 493 8.13 12.02 12.07
CA PHE A 493 8.64 11.45 13.31
C PHE A 493 9.83 10.56 13.14
N SER A 494 10.95 10.94 13.73
CA SER A 494 12.18 10.16 13.62
C SER A 494 12.70 9.62 14.95
N ASP A 495 11.89 9.65 16.00
CA ASP A 495 12.33 9.17 17.30
C ASP A 495 11.82 7.78 17.62
N GLU A 496 12.75 6.88 17.88
CA GLU A 496 12.46 5.48 18.17
C GLU A 496 11.31 5.25 19.14
N ASN A 497 11.32 5.97 20.25
CA ASN A 497 10.30 5.81 21.26
C ASN A 497 8.93 6.29 20.75
N VAL A 498 8.93 7.44 20.08
CA VAL A 498 7.68 7.97 19.53
C VAL A 498 7.04 6.96 18.57
N ARG A 499 7.84 6.45 17.64
CA ARG A 499 7.40 5.50 16.65
C ARG A 499 7.09 4.11 17.22
N ALA A 500 7.75 3.76 18.31
CA ALA A 500 7.56 2.45 18.93
C ALA A 500 6.20 2.25 19.58
N ILE A 501 5.66 3.28 20.22
CA ILE A 501 4.37 3.09 20.83
C ILE A 501 3.40 2.84 19.69
N ALA A 502 3.56 3.58 18.60
CA ALA A 502 2.69 3.42 17.46
C ALA A 502 2.75 1.98 16.97
N VAL A 503 3.94 1.41 16.93
CA VAL A 503 4.12 0.03 16.51
C VAL A 503 3.57 -0.95 17.55
N GLN A 504 3.46 -0.49 18.79
CA GLN A 504 2.95 -1.33 19.88
C GLN A 504 1.44 -1.43 19.77
N LYS A 505 0.81 -0.39 19.25
CA LYS A 505 -0.64 -0.37 19.08
C LYS A 505 -1.05 -1.15 17.84
N LEU A 506 -0.10 -1.33 16.92
CA LEU A 506 -0.37 -2.10 15.71
C LEU A 506 -0.34 -3.57 16.06
N GLU A 507 0.59 -3.94 16.94
CA GLU A 507 0.74 -5.33 17.36
C GLU A 507 -0.60 -5.96 17.72
N SER A 508 -1.62 -5.15 17.90
CA SER A 508 -2.95 -5.61 18.26
C SER A 508 -3.84 -6.00 17.08
N LEU A 509 -3.50 -5.49 15.90
CA LEU A 509 -4.26 -5.80 14.69
C LEU A 509 -4.25 -7.30 14.37
N GLU A 510 -5.43 -7.86 14.12
CA GLU A 510 -5.52 -9.26 13.75
C GLU A 510 -5.12 -9.26 12.27
N ASP A 511 -4.78 -10.42 11.73
CA ASP A 511 -4.36 -10.51 10.33
C ASP A 511 -5.22 -9.73 9.35
N ASP A 512 -6.51 -9.95 9.37
CA ASP A 512 -7.41 -9.23 8.46
C ASP A 512 -7.07 -7.75 8.30
N ASP A 513 -6.61 -7.12 9.37
CA ASP A 513 -6.27 -5.71 9.33
C ASP A 513 -4.81 -5.45 8.97
N VAL A 514 -3.98 -6.48 9.09
CA VAL A 514 -2.57 -6.35 8.81
C VAL A 514 -2.36 -6.58 7.33
N LEU A 515 -3.46 -6.80 6.64
CA LEU A 515 -3.44 -7.07 5.21
C LEU A 515 -4.12 -5.89 4.53
N HIS A 516 -5.07 -5.31 5.25
CA HIS A 516 -5.80 -4.15 4.81
C HIS A 516 -4.87 -2.94 4.82
N TYR A 517 -3.77 -3.05 5.59
CA TYR A 517 -2.83 -1.94 5.74
C TYR A 517 -1.38 -2.29 5.43
N LEU A 518 -1.12 -3.52 4.99
CA LEU A 518 0.23 -3.98 4.70
C LEU A 518 1.04 -3.12 3.76
N LEU A 519 0.48 -2.84 2.58
CA LEU A 519 1.16 -2.00 1.60
C LEU A 519 1.58 -0.66 2.21
N GLN A 520 0.61 0.09 2.74
CA GLN A 520 0.92 1.36 3.36
C GLN A 520 1.97 1.22 4.47
N LEU A 521 1.89 0.15 5.26
CA LEU A 521 2.86 -0.09 6.32
C LEU A 521 4.24 -0.44 5.72
N VAL A 522 4.27 -1.30 4.71
CA VAL A 522 5.51 -1.66 4.06
C VAL A 522 6.12 -0.39 3.44
N GLN A 523 5.28 0.53 2.99
CA GLN A 523 5.77 1.79 2.42
C GLN A 523 6.29 2.71 3.52
N ALA A 524 5.71 2.60 4.71
CA ALA A 524 6.14 3.42 5.83
C ALA A 524 7.55 3.13 6.25
N VAL A 525 8.09 1.97 5.87
CA VAL A 525 9.46 1.64 6.28
C VAL A 525 10.45 2.61 5.68
N LYS A 526 10.03 3.33 4.64
CA LYS A 526 10.89 4.33 4.00
C LYS A 526 11.06 5.59 4.86
N PHE A 527 10.37 5.63 6.00
CA PHE A 527 10.43 6.77 6.91
C PHE A 527 11.20 6.43 8.16
N GLU A 528 11.65 5.17 8.26
CA GLU A 528 12.42 4.72 9.39
C GLU A 528 13.87 5.21 9.29
N PRO A 529 14.39 5.78 10.37
CA PRO A 529 15.76 6.29 10.33
C PRO A 529 16.83 5.24 10.13
N TYR A 530 16.60 4.07 10.70
CA TYR A 530 17.54 2.95 10.62
C TYR A 530 16.87 1.69 10.05
N HIS A 531 17.67 0.81 9.45
CA HIS A 531 17.13 -0.41 8.88
C HIS A 531 16.45 -1.35 9.86
N ASP A 532 17.00 -1.50 11.05
CA ASP A 532 16.35 -2.37 12.02
C ASP A 532 15.40 -1.48 12.80
N SER A 533 14.11 -1.77 12.72
CA SER A 533 13.14 -0.96 13.42
C SER A 533 11.98 -1.84 13.85
N ALA A 534 11.25 -1.39 14.85
CA ALA A 534 10.11 -2.12 15.36
C ALA A 534 9.14 -2.40 14.22
N LEU A 535 9.03 -1.44 13.31
CA LEU A 535 8.12 -1.58 12.18
C LEU A 535 8.53 -2.72 11.29
N ALA A 536 9.79 -2.74 10.87
CA ALA A 536 10.28 -3.83 10.01
C ALA A 536 10.10 -5.16 10.73
N ARG A 537 10.54 -5.21 11.98
CA ARG A 537 10.43 -6.40 12.81
C ARG A 537 8.98 -6.82 12.98
N PHE A 538 8.09 -5.85 12.92
CA PHE A 538 6.67 -6.13 13.04
C PHE A 538 6.18 -6.74 11.74
N LEU A 539 6.66 -6.21 10.62
CA LEU A 539 6.26 -6.72 9.32
C LEU A 539 6.77 -8.15 9.25
N LEU A 540 8.02 -8.30 9.66
CA LEU A 540 8.68 -9.58 9.68
C LEU A 540 7.92 -10.65 10.46
N LYS A 541 7.51 -10.34 11.68
CA LYS A 541 6.77 -11.31 12.48
C LYS A 541 5.46 -11.73 11.82
N ARG A 542 4.59 -10.76 11.55
CA ARG A 542 3.29 -11.08 10.94
C ARG A 542 3.46 -11.76 9.57
N GLY A 543 4.62 -11.61 8.96
CA GLY A 543 4.86 -12.26 7.69
C GLY A 543 4.97 -13.74 7.96
N LEU A 544 5.89 -14.10 8.84
CA LEU A 544 6.09 -15.50 9.22
C LEU A 544 4.86 -16.12 9.94
N ARG A 545 4.09 -15.31 10.67
CA ARG A 545 2.98 -15.87 11.38
C ARG A 545 1.89 -16.38 10.46
N ASN A 546 1.57 -15.60 9.43
CA ASN A 546 0.52 -15.94 8.47
C ASN A 546 1.13 -15.99 7.09
N LYS A 547 0.80 -17.03 6.33
CA LYS A 547 1.35 -17.19 4.98
C LYS A 547 0.68 -16.25 3.97
N ARG A 548 -0.54 -15.82 4.26
CA ARG A 548 -1.22 -14.90 3.35
C ARG A 548 -0.52 -13.53 3.45
N ILE A 549 -0.42 -13.01 4.66
CA ILE A 549 0.28 -11.76 4.87
C ILE A 549 1.72 -11.84 4.33
N GLY A 550 2.34 -13.02 4.48
CA GLY A 550 3.72 -13.21 4.02
C GLY A 550 3.88 -13.17 2.51
N HIS A 551 2.92 -13.74 1.80
CA HIS A 551 2.93 -13.74 0.34
C HIS A 551 2.91 -12.32 -0.19
N PHE A 552 2.01 -11.50 0.33
CA PHE A 552 1.94 -10.12 -0.12
C PHE A 552 3.13 -9.29 0.33
N LEU A 553 3.71 -9.65 1.47
CA LEU A 553 4.89 -8.94 1.96
C LEU A 553 5.94 -9.15 0.89
N PHE A 554 6.15 -10.41 0.55
CA PHE A 554 7.11 -10.79 -0.46
C PHE A 554 7.03 -9.89 -1.69
N TRP A 555 5.87 -9.87 -2.34
CA TRP A 555 5.67 -9.04 -3.54
C TRP A 555 5.66 -7.52 -3.32
N PHE A 556 5.28 -7.06 -2.12
CA PHE A 556 5.32 -5.64 -1.83
C PHE A 556 6.77 -5.23 -1.68
N LEU A 557 7.56 -6.03 -0.97
CA LEU A 557 8.96 -5.72 -0.82
C LEU A 557 9.70 -5.85 -2.15
N ARG A 558 9.35 -6.88 -2.91
CA ARG A 558 10.04 -7.12 -4.16
C ARG A 558 9.85 -5.98 -5.15
N SER A 559 8.62 -5.49 -5.28
CA SER A 559 8.35 -4.39 -6.21
C SER A 559 9.33 -3.23 -5.98
N GLU A 560 9.59 -2.90 -4.72
CA GLU A 560 10.51 -1.82 -4.39
C GLU A 560 11.98 -2.14 -4.62
N ILE A 561 12.38 -3.36 -4.30
CA ILE A 561 13.78 -3.80 -4.48
C ILE A 561 14.17 -3.79 -5.95
N ALA A 562 13.18 -4.02 -6.80
CA ALA A 562 13.38 -4.08 -8.26
C ALA A 562 13.44 -2.76 -8.99
N GLN A 563 13.20 -1.65 -8.29
CA GLN A 563 13.22 -0.37 -8.97
C GLN A 563 13.57 0.80 -8.06
N SER A 564 13.82 0.51 -6.79
CA SER A 564 14.16 1.56 -5.85
C SER A 564 15.61 1.47 -5.38
N ARG A 565 16.51 2.10 -6.11
CA ARG A 565 17.90 2.11 -5.69
C ARG A 565 17.90 2.78 -4.31
N HIS A 566 17.02 3.77 -4.16
CA HIS A 566 16.86 4.53 -2.95
C HIS A 566 16.58 3.65 -1.76
N TYR A 567 15.70 2.66 -1.95
CA TYR A 567 15.34 1.78 -0.83
C TYR A 567 15.48 0.27 -1.06
N GLN A 568 16.19 -0.15 -2.11
CA GLN A 568 16.32 -1.58 -2.37
C GLN A 568 17.19 -2.37 -1.38
N GLN A 569 18.33 -1.82 -0.98
CA GLN A 569 19.18 -2.53 -0.02
C GLN A 569 18.46 -2.83 1.29
N ARG A 570 17.83 -1.85 1.88
CA ARG A 570 17.12 -2.06 3.13
C ARG A 570 15.98 -3.03 2.98
N PHE A 571 15.27 -2.94 1.85
CA PHE A 571 14.15 -3.83 1.60
C PHE A 571 14.69 -5.25 1.34
N ALA A 572 15.75 -5.34 0.55
CA ALA A 572 16.39 -6.60 0.26
C ALA A 572 16.85 -7.29 1.56
N VAL A 573 17.06 -6.52 2.61
CA VAL A 573 17.46 -7.09 3.88
C VAL A 573 16.25 -7.54 4.71
N ILE A 574 15.10 -6.96 4.45
CA ILE A 574 13.90 -7.35 5.19
C ILE A 574 13.26 -8.59 4.55
N LEU A 575 13.46 -8.74 3.23
CA LEU A 575 12.92 -9.88 2.50
C LEU A 575 13.74 -11.10 2.88
N GLU A 576 15.06 -10.98 2.71
CA GLU A 576 15.99 -12.07 3.05
C GLU A 576 15.59 -12.68 4.40
N ALA A 577 15.47 -11.83 5.42
CA ALA A 577 15.06 -12.30 6.72
C ALA A 577 13.77 -13.10 6.64
N TYR A 578 12.90 -12.73 5.70
CA TYR A 578 11.63 -13.43 5.55
C TYR A 578 11.74 -14.72 4.77
N LEU A 579 12.49 -14.70 3.67
CA LEU A 579 12.64 -15.89 2.84
C LEU A 579 13.32 -17.02 3.60
N ARG A 580 13.91 -16.69 4.74
CA ARG A 580 14.61 -17.65 5.58
C ARG A 580 13.79 -17.97 6.82
N GLY A 581 12.48 -18.11 6.68
CA GLY A 581 11.66 -18.43 7.85
C GLY A 581 10.24 -18.82 7.53
N CYS A 582 9.89 -18.72 6.24
CA CYS A 582 8.55 -19.01 5.75
C CYS A 582 8.24 -20.48 5.45
N GLY A 583 9.28 -21.29 5.31
CA GLY A 583 9.09 -22.71 5.03
C GLY A 583 9.72 -23.02 3.68
N THR A 584 9.91 -24.30 3.40
CA THR A 584 10.51 -24.71 2.12
C THR A 584 9.46 -24.72 1.01
N ALA A 585 8.21 -24.94 1.38
CA ALA A 585 7.14 -24.96 0.40
C ALA A 585 7.14 -23.63 -0.32
N MET A 586 6.80 -22.57 0.42
CA MET A 586 6.73 -21.21 -0.10
C MET A 586 7.91 -20.81 -0.96
N LEU A 587 9.11 -21.06 -0.44
CA LEU A 587 10.33 -20.72 -1.18
C LEU A 587 10.28 -21.32 -2.58
N HIS A 588 9.65 -22.48 -2.70
CA HIS A 588 9.54 -23.14 -4.00
C HIS A 588 8.54 -22.36 -4.84
N ASP A 589 7.43 -21.99 -4.21
CA ASP A 589 6.36 -21.25 -4.86
C ASP A 589 6.86 -19.93 -5.43
N PHE A 590 7.54 -19.16 -4.59
CA PHE A 590 8.07 -17.87 -5.00
C PHE A 590 9.03 -18.06 -6.17
N THR A 591 9.78 -19.14 -6.13
CA THR A 591 10.74 -19.39 -7.20
C THR A 591 9.97 -19.61 -8.49
N GLN A 592 8.87 -20.34 -8.40
CA GLN A 592 8.08 -20.61 -9.57
C GLN A 592 7.33 -19.37 -10.03
N GLN A 593 6.92 -18.53 -9.08
CA GLN A 593 6.22 -17.32 -9.44
C GLN A 593 7.19 -16.40 -10.16
N VAL A 594 8.37 -16.16 -9.56
CA VAL A 594 9.38 -15.28 -10.15
C VAL A 594 9.82 -15.72 -11.55
N GLN A 595 9.86 -17.02 -11.81
CA GLN A 595 10.27 -17.51 -13.12
C GLN A 595 9.27 -17.07 -14.17
N VAL A 596 8.02 -17.47 -13.96
CA VAL A 596 6.94 -17.15 -14.87
C VAL A 596 6.99 -15.69 -15.29
N ILE A 597 6.98 -14.80 -14.32
CA ILE A 597 6.99 -13.37 -14.59
C ILE A 597 8.22 -12.91 -15.33
N GLU A 598 9.41 -13.30 -14.86
CA GLU A 598 10.64 -12.90 -15.53
C GLU A 598 10.56 -13.29 -17.00
N MET A 599 9.88 -14.41 -17.28
CA MET A 599 9.72 -14.88 -18.65
C MET A 599 8.68 -14.03 -19.34
N LEU A 600 7.45 -14.08 -18.84
CA LEU A 600 6.33 -13.34 -19.39
C LEU A 600 6.58 -11.83 -19.60
N GLN A 601 7.47 -11.24 -18.82
CA GLN A 601 7.73 -9.82 -19.01
C GLN A 601 8.63 -9.68 -20.23
N LYS A 602 9.43 -10.70 -20.50
CA LYS A 602 10.31 -10.66 -21.66
C LYS A 602 9.44 -10.66 -22.90
N VAL A 603 8.42 -11.51 -22.90
CA VAL A 603 7.50 -11.63 -24.01
C VAL A 603 6.81 -10.30 -24.22
N THR A 604 6.40 -9.71 -23.10
CA THR A 604 5.68 -8.44 -23.08
C THR A 604 6.48 -7.33 -23.70
N LEU A 605 7.74 -7.25 -23.33
CA LEU A 605 8.63 -6.21 -23.84
C LEU A 605 8.85 -6.36 -25.35
N ASP A 606 9.14 -7.59 -25.77
CA ASP A 606 9.36 -7.88 -27.18
C ASP A 606 8.17 -7.39 -27.98
N ILE A 607 7.04 -8.04 -27.81
CA ILE A 607 5.80 -7.68 -28.53
C ILE A 607 5.47 -6.18 -28.50
N LYS A 608 6.21 -5.41 -27.71
CA LYS A 608 5.97 -3.98 -27.58
C LYS A 608 6.88 -3.22 -28.53
N SER A 609 8.05 -3.82 -28.79
CA SER A 609 9.07 -3.24 -29.66
C SER A 609 8.60 -2.88 -31.07
N LEU A 610 7.48 -3.46 -31.48
CA LEU A 610 6.92 -3.20 -32.80
C LEU A 610 6.01 -1.98 -32.81
N VAL A 621 1.65 -8.85 -35.69
CA VAL A 621 1.93 -8.95 -34.26
C VAL A 621 1.34 -10.21 -33.67
N ILE A 622 0.03 -10.38 -33.84
CA ILE A 622 -0.67 -11.55 -33.33
C ILE A 622 -0.13 -12.81 -34.02
N SER A 623 0.63 -12.59 -35.09
CA SER A 623 1.23 -13.69 -35.84
C SER A 623 2.40 -14.26 -35.04
N GLN A 624 3.29 -13.36 -34.61
CA GLN A 624 4.45 -13.78 -33.84
C GLN A 624 4.08 -13.89 -32.36
N LEU A 625 2.90 -13.39 -32.01
CA LEU A 625 2.42 -13.42 -30.64
C LEU A 625 2.34 -14.86 -30.13
N LYS A 626 1.36 -15.61 -30.63
CA LYS A 626 1.20 -16.99 -30.22
C LYS A 626 2.45 -17.77 -30.59
N GLN A 627 3.14 -17.33 -31.65
CA GLN A 627 4.36 -18.00 -32.10
C GLN A 627 5.36 -17.99 -30.95
N LYS A 628 5.45 -16.85 -30.28
CA LYS A 628 6.35 -16.67 -29.13
C LYS A 628 5.69 -17.30 -27.91
N LEU A 629 4.38 -17.10 -27.79
CA LEU A 629 3.67 -17.68 -26.67
C LEU A 629 3.81 -19.19 -26.70
N GLU A 630 3.33 -19.80 -27.77
CA GLU A 630 3.39 -21.25 -27.97
C GLU A 630 4.79 -21.79 -27.66
N ASN A 631 5.81 -21.15 -28.19
CA ASN A 631 7.17 -21.60 -27.96
C ASN A 631 7.48 -21.56 -26.47
N LEU A 632 6.75 -20.71 -25.75
CA LEU A 632 6.95 -20.54 -24.31
C LEU A 632 6.46 -21.74 -23.50
N GLN A 633 5.22 -22.16 -23.73
CA GLN A 633 4.65 -23.28 -23.01
C GLN A 633 5.50 -24.53 -23.22
N ASN A 634 6.00 -24.67 -24.45
CA ASN A 634 6.82 -25.79 -24.87
C ASN A 634 7.48 -26.54 -23.73
N SER A 635 8.32 -25.85 -22.96
CA SER A 635 9.01 -26.49 -21.84
C SER A 635 9.44 -25.50 -20.77
N GLN A 636 9.30 -24.21 -21.07
CA GLN A 636 9.69 -23.16 -20.12
C GLN A 636 8.65 -22.97 -19.02
N LEU A 637 7.51 -22.40 -19.40
CA LEU A 637 6.42 -22.14 -18.45
C LEU A 637 6.19 -23.36 -17.55
N PRO A 638 6.51 -23.22 -16.26
CA PRO A 638 6.37 -24.25 -15.23
C PRO A 638 5.06 -25.02 -15.29
N GLU A 639 4.96 -26.08 -14.49
CA GLU A 639 3.74 -26.87 -14.45
C GLU A 639 2.56 -26.02 -14.03
N SER A 640 2.58 -25.58 -12.77
CA SER A 640 1.52 -24.74 -12.24
C SER A 640 2.07 -23.65 -11.34
N PHE A 641 1.81 -22.39 -11.68
CA PHE A 641 2.29 -21.25 -10.89
C PHE A 641 1.17 -20.59 -10.12
N ARG A 642 1.53 -19.86 -9.07
CA ARG A 642 0.54 -19.17 -8.24
C ARG A 642 0.31 -17.74 -8.72
N VAL A 643 -0.95 -17.33 -8.77
CA VAL A 643 -1.29 -16.00 -9.21
C VAL A 643 -0.89 -15.02 -8.13
N PRO A 644 0.21 -14.29 -8.33
CA PRO A 644 0.73 -13.32 -7.37
C PRO A 644 -0.26 -12.37 -6.71
N TYR A 645 -1.40 -12.12 -7.34
CA TYR A 645 -2.34 -11.20 -6.74
C TYR A 645 -3.46 -11.92 -6.01
N ASP A 646 -3.55 -13.23 -6.23
CA ASP A 646 -4.54 -14.05 -5.55
C ASP A 646 -3.94 -15.41 -5.28
N PRO A 647 -3.07 -15.49 -4.25
CA PRO A 647 -2.33 -16.68 -3.79
C PRO A 647 -3.08 -17.99 -3.69
N GLY A 648 -4.40 -17.92 -3.53
CA GLY A 648 -5.14 -19.16 -3.45
C GLY A 648 -5.68 -19.66 -4.79
N LEU A 649 -4.93 -19.42 -5.87
CA LEU A 649 -5.32 -19.83 -7.22
C LEU A 649 -4.13 -20.26 -8.05
N LYS A 650 -4.04 -21.53 -8.41
CA LYS A 650 -2.93 -22.00 -9.20
C LYS A 650 -3.21 -21.74 -10.67
N ALA A 651 -2.20 -21.89 -11.51
CA ALA A 651 -2.32 -21.66 -12.95
C ALA A 651 -1.55 -22.72 -13.68
N GLY A 652 -2.08 -23.16 -14.81
CA GLY A 652 -1.42 -24.18 -15.60
C GLY A 652 -0.96 -23.64 -16.94
N ALA A 653 -1.31 -24.33 -18.02
CA ALA A 653 -0.91 -23.88 -19.35
C ALA A 653 -1.80 -22.73 -19.75
N LEU A 654 -1.44 -22.02 -20.80
CA LEU A 654 -2.23 -20.88 -21.25
C LEU A 654 -3.18 -21.21 -22.37
N ALA A 655 -4.37 -20.62 -22.30
CA ALA A 655 -5.35 -20.79 -23.35
C ALA A 655 -4.82 -19.92 -24.50
N ILE A 656 -3.68 -20.33 -25.05
CA ILE A 656 -3.05 -19.60 -26.14
C ILE A 656 -4.09 -19.04 -27.11
N GLU A 657 -5.05 -19.87 -27.48
CA GLU A 657 -6.08 -19.48 -28.40
C GLU A 657 -6.95 -18.33 -27.87
N LYS A 658 -6.54 -17.75 -26.75
CA LYS A 658 -7.29 -16.66 -26.13
C LYS A 658 -6.40 -15.47 -25.76
N CYS A 659 -5.09 -15.68 -25.83
CA CYS A 659 -4.12 -14.63 -25.50
C CYS A 659 -3.99 -13.67 -26.67
N LYS A 660 -3.95 -12.37 -26.37
CA LYS A 660 -3.87 -11.34 -27.39
C LYS A 660 -3.04 -10.11 -26.99
N VAL A 661 -3.28 -9.00 -27.68
CA VAL A 661 -2.57 -7.76 -27.40
C VAL A 661 -3.62 -6.65 -27.46
N MET A 662 -3.97 -6.11 -26.30
CA MET A 662 -5.00 -5.08 -26.26
C MET A 662 -4.72 -3.94 -27.19
N ALA A 663 -5.78 -3.25 -27.59
CA ALA A 663 -5.68 -2.14 -28.52
C ALA A 663 -5.34 -0.85 -27.81
N SER A 664 -4.15 -0.31 -28.07
CA SER A 664 -3.72 0.93 -27.44
C SER A 664 -2.25 1.28 -27.65
N LYS A 665 -1.92 2.56 -27.48
CA LYS A 665 -0.54 3.04 -27.64
C LYS A 665 0.33 2.10 -26.82
N LYS A 666 -0.19 1.72 -25.66
CA LYS A 666 0.51 0.78 -24.79
C LYS A 666 0.09 -0.55 -25.37
N LYS A 667 0.99 -1.52 -25.44
CA LYS A 667 0.61 -2.81 -26.00
C LYS A 667 0.63 -3.92 -24.97
N PRO A 668 -0.25 -3.83 -23.96
CA PRO A 668 -0.39 -4.79 -22.87
C PRO A 668 -0.60 -6.20 -23.42
N LEU A 669 -0.35 -7.20 -22.60
CA LEU A 669 -0.55 -8.57 -23.03
C LEU A 669 -1.68 -9.24 -22.26
N TRP A 670 -2.71 -9.60 -23.00
CA TRP A 670 -3.88 -10.27 -22.45
C TRP A 670 -3.64 -11.77 -22.49
N LEU A 671 -3.19 -12.34 -21.36
CA LEU A 671 -2.94 -13.76 -21.27
C LEU A 671 -4.07 -14.41 -20.46
N GLU A 672 -4.31 -15.70 -20.70
CA GLU A 672 -5.36 -16.44 -20.01
C GLU A 672 -4.80 -17.82 -19.79
N PHE A 673 -4.88 -18.30 -18.54
CA PHE A 673 -4.38 -19.63 -18.20
C PHE A 673 -5.53 -20.50 -17.74
N LYS A 674 -5.26 -21.79 -17.62
CA LYS A 674 -6.24 -22.75 -17.15
C LYS A 674 -5.93 -22.96 -15.67
N CYS A 675 -6.94 -23.37 -14.90
CA CYS A 675 -6.73 -23.60 -13.48
C CYS A 675 -6.14 -24.98 -13.28
N ALA A 676 -4.94 -25.01 -12.70
CA ALA A 676 -4.25 -26.26 -12.45
C ALA A 676 -4.95 -27.06 -11.36
N ASP A 677 -6.26 -26.89 -11.23
CA ASP A 677 -6.99 -27.63 -10.20
C ASP A 677 -8.18 -28.43 -10.70
N PRO A 678 -8.19 -29.74 -10.38
CA PRO A 678 -9.25 -30.68 -10.76
C PRO A 678 -10.52 -30.44 -9.94
N THR A 679 -10.37 -30.40 -8.62
CA THR A 679 -11.50 -30.20 -7.71
C THR A 679 -12.23 -28.89 -8.00
N ALA A 680 -11.65 -28.07 -8.86
CA ALA A 680 -12.25 -26.80 -9.22
C ALA A 680 -13.51 -27.04 -10.03
N LEU A 681 -14.65 -26.60 -9.51
CA LEU A 681 -15.93 -26.81 -10.18
C LEU A 681 -16.24 -25.87 -11.35
N SER A 682 -15.28 -25.71 -12.26
CA SER A 682 -15.51 -24.86 -13.42
C SER A 682 -14.43 -24.97 -14.49
N ASN A 683 -14.78 -24.53 -15.70
CA ASN A 683 -13.85 -24.56 -16.82
C ASN A 683 -13.31 -23.15 -16.98
N GLU A 684 -13.76 -22.26 -16.10
CA GLU A 684 -13.35 -20.86 -16.12
C GLU A 684 -11.83 -20.65 -16.13
N THR A 685 -11.37 -19.63 -16.86
CA THR A 685 -9.95 -19.35 -16.96
C THR A 685 -9.45 -18.31 -15.96
N ILE A 686 -8.13 -18.15 -15.91
CA ILE A 686 -7.47 -17.20 -15.02
C ILE A 686 -6.79 -16.14 -15.87
N GLY A 687 -7.42 -14.98 -15.98
CA GLY A 687 -6.87 -13.92 -16.81
C GLY A 687 -5.71 -13.22 -16.14
N ILE A 688 -4.90 -12.53 -16.94
CA ILE A 688 -3.75 -11.77 -16.47
C ILE A 688 -3.32 -10.79 -17.57
N ILE A 689 -3.28 -9.50 -17.24
CA ILE A 689 -2.86 -8.47 -18.18
C ILE A 689 -1.50 -7.89 -17.86
N PHE A 690 -0.47 -8.30 -18.59
CA PHE A 690 0.87 -7.77 -18.36
C PHE A 690 1.05 -6.47 -19.13
N LYS A 691 1.68 -5.48 -18.52
CA LYS A 691 1.87 -4.22 -19.20
C LYS A 691 3.19 -3.53 -18.90
N HIS A 692 3.77 -2.90 -19.93
CA HIS A 692 5.00 -2.13 -19.77
C HIS A 692 4.71 -0.69 -20.17
N GLY A 693 5.19 0.26 -19.39
CA GLY A 693 4.95 1.65 -19.73
C GLY A 693 4.29 2.53 -18.68
N ASP A 694 3.65 1.91 -17.69
CA ASP A 694 2.99 2.66 -16.63
C ASP A 694 3.60 2.35 -15.28
N ASP A 695 3.52 3.32 -14.37
CA ASP A 695 4.05 3.12 -13.02
C ASP A 695 2.93 2.50 -12.18
N LEU A 696 2.73 1.19 -12.33
CA LEU A 696 1.70 0.45 -11.61
C LEU A 696 1.82 0.48 -10.09
N ARG A 697 2.75 1.27 -9.57
CA ARG A 697 2.94 1.39 -8.14
C ARG A 697 2.00 2.47 -7.60
N GLN A 698 1.44 3.27 -8.48
CA GLN A 698 0.55 4.32 -8.06
C GLN A 698 -0.86 3.73 -8.07
N ASP A 699 -1.05 2.69 -8.87
CA ASP A 699 -2.33 2.01 -8.95
C ASP A 699 -2.53 1.12 -7.74
N MET A 700 -1.47 0.41 -7.34
CA MET A 700 -1.51 -0.48 -6.20
C MET A 700 -1.97 0.31 -4.98
N LEU A 701 -1.32 1.45 -4.75
CA LEU A 701 -1.66 2.30 -3.63
C LEU A 701 -3.10 2.77 -3.76
N ILE A 702 -3.50 3.22 -4.94
CA ILE A 702 -4.87 3.71 -5.13
C ILE A 702 -5.88 2.58 -4.99
N LEU A 703 -5.49 1.38 -5.38
CA LEU A 703 -6.41 0.27 -5.24
C LEU A 703 -6.50 -0.10 -3.78
N GLN A 704 -5.42 0.14 -3.03
CA GLN A 704 -5.40 -0.20 -1.61
C GLN A 704 -6.35 0.70 -0.86
N ILE A 705 -6.21 2.00 -1.09
CA ILE A 705 -7.10 2.96 -0.48
C ILE A 705 -8.55 2.54 -0.77
N LEU A 706 -8.82 2.08 -1.98
CA LEU A 706 -10.15 1.65 -2.35
C LEU A 706 -10.72 0.53 -1.47
N ARG A 707 -9.89 -0.44 -1.13
CA ARG A 707 -10.33 -1.55 -0.30
C ARG A 707 -10.58 -1.04 1.12
N ILE A 708 -9.97 0.09 1.45
CA ILE A 708 -10.13 0.68 2.76
C ILE A 708 -11.47 1.35 2.92
N MET A 709 -11.95 1.96 1.84
CA MET A 709 -13.26 2.62 1.83
C MET A 709 -14.29 1.51 1.64
N GLU A 710 -13.88 0.49 0.91
CA GLU A 710 -14.73 -0.64 0.64
C GLU A 710 -14.92 -1.34 1.99
N SER A 711 -14.09 -0.98 2.96
CA SER A 711 -14.17 -1.59 4.28
C SER A 711 -14.78 -0.64 5.30
N ILE A 712 -14.41 0.64 5.21
CA ILE A 712 -14.96 1.64 6.12
C ILE A 712 -16.47 1.51 6.03
N TRP A 713 -17.02 1.78 4.84
CA TRP A 713 -18.45 1.69 4.59
C TRP A 713 -19.12 0.52 5.30
N GLU A 714 -18.47 -0.64 5.29
CA GLU A 714 -19.01 -1.82 5.92
C GLU A 714 -19.33 -1.54 7.39
N THR A 715 -18.47 -0.79 8.06
CA THR A 715 -18.67 -0.47 9.48
C THR A 715 -20.09 0.07 9.64
N GLU A 716 -20.54 0.82 8.65
CA GLU A 716 -21.87 1.40 8.65
C GLU A 716 -22.78 0.59 7.74
N SER A 717 -22.48 -0.70 7.61
CA SER A 717 -23.23 -1.63 6.80
C SER A 717 -23.61 -1.14 5.40
N LEU A 718 -23.03 -0.01 4.99
CA LEU A 718 -23.29 0.54 3.67
C LEU A 718 -22.56 -0.31 2.64
N ASP A 719 -22.65 0.04 1.37
CA ASP A 719 -21.99 -0.76 0.33
C ASP A 719 -22.06 -0.09 -1.04
N LEU A 720 -20.96 -0.16 -1.77
CA LEU A 720 -20.88 0.45 -3.10
C LEU A 720 -20.40 -0.46 -4.22
N CYS A 721 -20.28 -1.75 -3.94
CA CYS A 721 -19.86 -2.70 -4.97
C CYS A 721 -18.63 -2.30 -5.80
N LEU A 722 -17.55 -1.86 -5.15
CA LEU A 722 -16.34 -1.48 -5.89
C LEU A 722 -15.69 -2.73 -6.45
N LEU A 723 -14.81 -2.54 -7.43
CA LEU A 723 -14.15 -3.67 -8.05
C LEU A 723 -12.63 -3.42 -8.12
N PRO A 724 -11.93 -3.61 -7.00
CA PRO A 724 -10.47 -3.39 -6.98
C PRO A 724 -9.76 -4.67 -7.45
N TYR A 725 -9.39 -4.70 -8.72
CA TYR A 725 -8.72 -5.85 -9.31
C TYR A 725 -7.28 -5.95 -8.83
N GLY A 726 -6.75 -7.16 -8.92
CA GLY A 726 -5.39 -7.37 -8.50
C GLY A 726 -4.42 -6.58 -9.35
N CYS A 727 -3.46 -5.94 -8.71
CA CYS A 727 -2.48 -5.17 -9.42
C CYS A 727 -1.14 -5.27 -8.72
N ILE A 728 -0.22 -6.05 -9.27
CA ILE A 728 1.10 -6.17 -8.66
C ILE A 728 2.23 -5.65 -9.52
N SER A 729 2.91 -4.60 -9.04
CA SER A 729 4.05 -4.06 -9.77
C SER A 729 5.08 -5.19 -9.84
N THR A 730 6.13 -5.00 -10.63
CA THR A 730 7.14 -6.05 -10.76
C THR A 730 8.54 -5.51 -11.03
N GLY A 731 8.62 -4.36 -11.66
CA GLY A 731 9.90 -3.75 -11.96
C GLY A 731 9.67 -2.34 -12.45
N ASP A 732 10.66 -1.74 -13.09
CA ASP A 732 10.48 -0.40 -13.60
C ASP A 732 9.38 -0.40 -14.67
N LYS A 733 8.47 0.55 -14.56
CA LYS A 733 7.36 0.70 -15.48
C LYS A 733 6.81 -0.62 -16.01
N ILE A 734 6.53 -1.56 -15.13
CA ILE A 734 5.97 -2.85 -15.55
C ILE A 734 5.33 -3.61 -14.38
N GLY A 735 4.43 -4.53 -14.68
CA GLY A 735 3.77 -5.29 -13.64
C GLY A 735 2.55 -6.03 -14.15
N MET A 736 1.90 -6.80 -13.29
CA MET A 736 0.71 -7.53 -13.70
C MET A 736 -0.62 -6.98 -13.22
N ILE A 737 -1.65 -7.22 -14.00
CA ILE A 737 -3.01 -6.75 -13.70
C ILE A 737 -4.03 -7.88 -13.84
N GLU A 738 -5.03 -7.87 -12.96
CA GLU A 738 -6.06 -8.89 -13.01
C GLU A 738 -7.11 -8.64 -14.09
N ILE A 739 -7.52 -9.72 -14.74
CA ILE A 739 -8.53 -9.64 -15.78
C ILE A 739 -9.91 -9.86 -15.15
N VAL A 740 -10.72 -8.80 -15.17
CA VAL A 740 -12.06 -8.88 -14.61
C VAL A 740 -13.03 -9.46 -15.65
N LYS A 741 -13.43 -10.71 -15.41
CA LYS A 741 -14.34 -11.43 -16.29
C LYS A 741 -15.55 -10.65 -16.80
N ASP A 742 -15.87 -10.88 -18.07
CA ASP A 742 -17.00 -10.29 -18.78
C ASP A 742 -17.17 -8.78 -18.68
N ALA A 743 -16.08 -8.04 -18.79
CA ALA A 743 -16.18 -6.59 -18.71
C ALA A 743 -15.84 -5.94 -20.04
N THR A 744 -16.23 -4.68 -20.18
CA THR A 744 -16.00 -3.92 -21.42
C THR A 744 -15.72 -2.49 -21.05
N THR A 745 -14.91 -1.81 -21.85
CA THR A 745 -14.63 -0.40 -21.59
C THR A 745 -15.84 0.40 -22.03
N ILE A 746 -16.16 1.43 -21.26
CA ILE A 746 -17.31 2.28 -21.53
C ILE A 746 -17.46 2.67 -22.99
N ALA A 747 -16.35 2.93 -23.66
CA ALA A 747 -16.35 3.31 -25.07
C ALA A 747 -16.62 2.13 -26.00
N LYS A 748 -15.84 1.07 -25.87
CA LYS A 748 -16.03 -0.11 -26.71
C LYS A 748 -17.52 -0.33 -26.90
N ILE A 749 -18.30 0.02 -25.87
CA ILE A 749 -19.75 -0.12 -25.92
C ILE A 749 -20.32 0.98 -26.82
N GLN A 750 -19.94 2.21 -26.54
CA GLN A 750 -20.40 3.35 -27.33
C GLN A 750 -19.50 3.55 -28.54
N GLN A 751 -18.87 2.47 -29.00
CA GLN A 751 -17.99 2.53 -30.15
C GLN A 751 -18.50 1.65 -31.27
N SER A 752 -19.11 0.52 -30.92
CA SER A 752 -19.65 -0.39 -31.91
C SER A 752 -20.70 0.36 -32.75
N THR A 753 -21.49 1.20 -32.06
CA THR A 753 -22.52 1.98 -32.72
C THR A 753 -21.94 3.27 -33.29
N VAL A 754 -21.26 4.05 -32.44
CA VAL A 754 -20.66 5.30 -32.88
C VAL A 754 -19.14 5.15 -32.97
N GLY A 755 -18.41 6.07 -32.35
CA GLY A 755 -16.96 5.99 -32.37
C GLY A 755 -16.28 6.70 -33.53
N ASN A 756 -14.95 6.63 -33.53
CA ASN A 756 -14.11 7.25 -34.55
C ASN A 756 -14.10 8.76 -34.38
N THR A 757 -14.94 9.43 -35.14
CA THR A 757 -15.06 10.90 -35.07
C THR A 757 -16.42 11.23 -34.48
N GLY A 758 -17.26 10.20 -34.34
CA GLY A 758 -18.59 10.38 -33.77
C GLY A 758 -18.51 10.36 -32.27
N ALA A 759 -19.30 11.21 -31.62
CA ALA A 759 -19.32 11.30 -30.17
C ALA A 759 -19.92 10.08 -29.52
N PHE A 760 -21.02 10.27 -28.80
CA PHE A 760 -21.68 9.18 -28.10
C PHE A 760 -23.20 9.10 -28.28
N LYS A 761 -23.78 8.04 -27.74
CA LYS A 761 -25.22 7.81 -27.80
C LYS A 761 -25.79 7.77 -26.39
N ASP A 762 -26.88 8.50 -26.16
CA ASP A 762 -27.51 8.56 -24.85
C ASP A 762 -27.97 7.19 -24.35
N GLU A 763 -28.77 6.51 -25.16
CA GLU A 763 -29.33 5.22 -24.77
C GLU A 763 -28.54 3.98 -25.16
N VAL A 764 -27.25 4.12 -25.46
CA VAL A 764 -26.44 2.98 -25.85
C VAL A 764 -26.19 2.03 -24.68
N LEU A 765 -25.60 2.56 -23.62
CA LEU A 765 -25.29 1.78 -22.43
C LEU A 765 -26.47 1.02 -21.82
N ASN A 766 -27.64 1.63 -21.79
CA ASN A 766 -28.79 0.96 -21.19
C ASN A 766 -29.18 -0.28 -21.98
N HIS A 767 -28.98 -0.20 -23.29
CA HIS A 767 -29.30 -1.32 -24.18
C HIS A 767 -28.27 -2.42 -23.99
N TRP A 768 -27.03 -2.00 -23.71
CA TRP A 768 -25.93 -2.94 -23.51
C TRP A 768 -26.19 -3.85 -22.32
N LEU A 769 -27.03 -3.38 -21.39
CA LEU A 769 -27.36 -4.16 -20.21
C LEU A 769 -28.49 -5.14 -20.45
N LYS A 770 -29.62 -4.63 -20.93
CA LYS A 770 -30.78 -5.48 -21.20
C LYS A 770 -30.42 -6.53 -22.24
N GLU A 771 -29.64 -6.13 -23.23
CA GLU A 771 -29.22 -7.03 -24.28
C GLU A 771 -28.27 -8.06 -23.68
N LYS A 772 -27.28 -7.57 -22.94
CA LYS A 772 -26.29 -8.44 -22.32
C LYS A 772 -26.72 -9.06 -21.00
N SER A 773 -27.99 -9.44 -20.90
CA SER A 773 -28.48 -10.06 -19.68
C SER A 773 -29.82 -10.74 -19.85
N PRO A 774 -29.84 -12.08 -19.77
CA PRO A 774 -31.03 -12.94 -19.90
C PRO A 774 -32.03 -12.66 -18.80
N THR A 775 -33.31 -12.83 -19.10
CA THR A 775 -34.39 -12.60 -18.14
C THR A 775 -34.46 -11.14 -17.74
N GLU A 776 -35.54 -10.78 -17.05
CA GLU A 776 -35.71 -9.42 -16.59
C GLU A 776 -35.23 -9.40 -15.14
N GLU A 777 -35.13 -10.59 -14.56
CA GLU A 777 -34.68 -10.74 -13.18
C GLU A 777 -33.18 -10.46 -13.13
N LYS A 778 -32.56 -10.40 -14.30
CA LYS A 778 -31.13 -10.13 -14.39
C LYS A 778 -30.85 -8.70 -14.87
N PHE A 779 -31.76 -8.13 -15.65
CA PHE A 779 -31.53 -6.78 -16.13
C PHE A 779 -31.60 -5.72 -15.05
N GLN A 780 -32.64 -5.74 -14.23
CA GLN A 780 -32.75 -4.73 -13.18
C GLN A 780 -31.62 -4.86 -12.18
N ALA A 781 -31.26 -6.11 -11.89
CA ALA A 781 -30.16 -6.34 -10.96
C ALA A 781 -28.96 -5.61 -11.56
N ALA A 782 -28.68 -5.89 -12.83
CA ALA A 782 -27.58 -5.27 -13.55
C ALA A 782 -27.62 -3.74 -13.52
N VAL A 783 -28.75 -3.17 -13.13
CA VAL A 783 -28.87 -1.72 -13.06
C VAL A 783 -28.85 -1.31 -11.59
N GLU A 784 -29.31 -2.24 -10.75
CA GLU A 784 -29.34 -2.04 -9.30
C GLU A 784 -27.90 -1.94 -8.80
N ARG A 785 -27.12 -2.98 -9.08
CA ARG A 785 -25.72 -3.04 -8.69
C ARG A 785 -24.89 -2.11 -9.57
N PHE A 786 -25.57 -1.28 -10.36
CA PHE A 786 -24.91 -0.32 -11.23
C PHE A 786 -24.94 1.06 -10.60
N VAL A 787 -25.92 1.28 -9.72
CA VAL A 787 -26.05 2.59 -9.08
C VAL A 787 -25.08 2.65 -7.92
N TYR A 788 -24.99 1.57 -7.17
CA TYR A 788 -24.09 1.51 -6.03
C TYR A 788 -22.67 1.66 -6.54
N SER A 789 -22.34 0.90 -7.60
CA SER A 789 -21.02 0.95 -8.18
C SER A 789 -20.75 2.33 -8.75
N CYS A 790 -21.77 2.92 -9.35
CA CYS A 790 -21.60 4.26 -9.91
C CYS A 790 -21.34 5.19 -8.76
N ALA A 791 -22.15 5.01 -7.71
CA ALA A 791 -22.02 5.81 -6.51
C ALA A 791 -20.62 5.63 -5.93
N GLY A 792 -20.26 4.38 -5.68
CA GLY A 792 -18.97 4.04 -5.13
C GLY A 792 -17.76 4.69 -5.78
N TYR A 793 -17.62 4.58 -7.10
CA TYR A 793 -16.47 5.19 -7.75
C TYR A 793 -16.57 6.72 -7.88
N CYS A 794 -17.75 7.28 -7.64
CA CYS A 794 -17.91 8.72 -7.73
C CYS A 794 -17.45 9.33 -6.42
N VAL A 795 -17.87 8.72 -5.31
CA VAL A 795 -17.48 9.21 -3.99
C VAL A 795 -15.97 9.03 -3.86
N ALA A 796 -15.54 7.80 -4.09
CA ALA A 796 -14.14 7.38 -4.03
C ALA A 796 -13.21 8.25 -4.85
N THR A 797 -13.44 8.33 -6.15
CA THR A 797 -12.58 9.16 -7.00
C THR A 797 -12.63 10.63 -6.61
N PHE A 798 -13.83 11.11 -6.28
CA PHE A 798 -13.97 12.51 -5.90
C PHE A 798 -13.04 12.81 -4.74
N VAL A 799 -13.10 11.99 -3.70
CA VAL A 799 -12.25 12.19 -2.53
C VAL A 799 -10.78 12.05 -2.91
N LEU A 800 -10.45 11.00 -3.65
CA LEU A 800 -9.09 10.73 -4.09
C LEU A 800 -8.56 11.73 -5.10
N GLY A 801 -9.38 12.71 -5.47
CA GLY A 801 -8.97 13.74 -6.41
C GLY A 801 -8.65 13.30 -7.82
N ILE A 802 -9.17 12.15 -8.22
CA ILE A 802 -8.92 11.63 -9.54
C ILE A 802 -10.26 11.33 -10.23
N GLY A 803 -11.15 12.32 -10.21
CA GLY A 803 -12.47 12.16 -10.80
C GLY A 803 -12.58 12.44 -12.29
N ASP A 804 -11.71 13.30 -12.81
CA ASP A 804 -11.75 13.65 -14.23
C ASP A 804 -11.08 12.59 -15.09
N ARG A 805 -11.79 11.51 -15.35
CA ARG A 805 -11.27 10.43 -16.18
C ARG A 805 -11.97 10.38 -17.52
N HIS A 806 -11.21 10.06 -18.56
CA HIS A 806 -11.77 9.96 -19.89
C HIS A 806 -12.79 8.83 -19.98
N ASN A 807 -12.56 7.87 -20.86
CA ASN A 807 -13.52 6.78 -21.05
C ASN A 807 -12.92 5.38 -21.13
N ASP A 808 -11.97 5.18 -22.04
CA ASP A 808 -11.35 3.88 -22.19
C ASP A 808 -10.84 3.45 -20.81
N ASN A 809 -10.73 4.42 -19.92
CA ASN A 809 -10.24 4.19 -18.57
C ASN A 809 -11.36 3.84 -17.56
N ILE A 810 -12.55 3.53 -18.08
CA ILE A 810 -13.70 3.18 -17.22
C ILE A 810 -14.50 2.04 -17.82
N MET A 811 -14.62 0.94 -17.07
CA MET A 811 -15.33 -0.25 -17.55
C MET A 811 -16.55 -0.65 -16.72
N ILE A 812 -17.30 -1.63 -17.23
CA ILE A 812 -18.51 -2.15 -16.58
C ILE A 812 -18.72 -3.61 -16.99
N THR A 813 -19.41 -4.37 -16.15
CA THR A 813 -19.67 -5.78 -16.45
C THR A 813 -21.08 -6.00 -17.00
N GLU A 814 -21.22 -7.11 -17.72
CA GLU A 814 -22.50 -7.48 -18.30
C GLU A 814 -23.44 -7.72 -17.15
N THR A 815 -22.86 -7.90 -15.97
CA THR A 815 -23.62 -8.14 -14.76
C THR A 815 -23.95 -6.81 -14.08
N GLY A 816 -23.51 -5.70 -14.69
CA GLY A 816 -23.82 -4.39 -14.12
C GLY A 816 -22.78 -3.64 -13.31
N ASN A 817 -21.70 -4.29 -12.89
CA ASN A 817 -20.68 -3.61 -12.09
C ASN A 817 -19.73 -2.74 -12.92
N LEU A 818 -19.74 -1.43 -12.66
CA LEU A 818 -18.86 -0.49 -13.37
C LEU A 818 -17.62 -0.24 -12.50
N PHE A 819 -16.48 0.05 -13.12
CA PHE A 819 -15.23 0.28 -12.36
C PHE A 819 -14.15 0.98 -13.16
N HIS A 820 -13.49 1.95 -12.56
CA HIS A 820 -12.42 2.68 -13.25
C HIS A 820 -11.15 1.85 -13.42
N ILE A 821 -10.21 2.35 -14.20
CA ILE A 821 -8.95 1.66 -14.43
C ILE A 821 -7.85 2.62 -14.84
N ASP A 822 -6.65 2.08 -15.02
CA ASP A 822 -5.48 2.87 -15.36
C ASP A 822 -5.39 4.05 -14.38
N PHE A 823 -4.73 3.81 -13.26
CA PHE A 823 -4.57 4.82 -12.21
C PHE A 823 -3.15 5.32 -12.07
N GLU A 839 -11.75 24.06 -17.22
CA GLU A 839 -12.81 23.15 -17.67
C GLU A 839 -12.58 21.77 -17.09
N ARG A 840 -13.39 21.41 -16.10
CA ARG A 840 -13.29 20.11 -15.46
C ARG A 840 -14.62 19.64 -14.89
N VAL A 841 -14.54 18.69 -13.97
CA VAL A 841 -15.71 18.11 -13.33
C VAL A 841 -15.29 17.31 -12.10
N PRO A 842 -16.21 17.12 -11.15
CA PRO A 842 -15.89 16.36 -9.94
C PRO A 842 -15.61 14.91 -10.29
N PHE A 843 -16.44 14.36 -11.17
CA PHE A 843 -16.31 12.97 -11.59
C PHE A 843 -17.16 12.62 -12.81
N VAL A 844 -16.93 11.45 -13.38
CA VAL A 844 -17.67 11.02 -14.56
C VAL A 844 -18.99 10.31 -14.25
N LEU A 845 -20.08 11.02 -14.51
CA LEU A 845 -21.44 10.51 -14.32
C LEU A 845 -22.20 10.78 -15.61
N THR A 846 -21.55 10.51 -16.75
CA THR A 846 -22.13 10.76 -18.07
C THR A 846 -23.64 10.51 -18.13
N PRO A 847 -24.34 11.37 -18.89
CA PRO A 847 -25.79 11.30 -19.07
C PRO A 847 -26.22 9.85 -19.24
N ASP A 848 -25.34 9.03 -19.80
CA ASP A 848 -25.61 7.62 -20.01
C ASP A 848 -25.94 7.01 -18.65
N PHE A 849 -24.98 7.10 -17.74
CA PHE A 849 -25.15 6.58 -16.39
C PHE A 849 -26.50 7.08 -15.90
N LEU A 850 -26.70 8.40 -15.99
CA LEU A 850 -27.95 9.04 -15.58
C LEU A 850 -29.11 8.42 -16.35
N PHE A 851 -28.89 8.20 -17.64
CA PHE A 851 -29.90 7.60 -18.49
C PHE A 851 -30.29 6.27 -17.87
N VAL A 852 -29.30 5.41 -17.71
CA VAL A 852 -29.52 4.09 -17.13
C VAL A 852 -30.30 4.22 -15.83
N MET A 853 -29.94 5.19 -15.02
CA MET A 853 -30.63 5.41 -13.75
C MET A 853 -32.12 5.59 -14.02
N GLY A 854 -32.44 6.32 -15.09
CA GLY A 854 -33.83 6.55 -15.45
C GLY A 854 -34.22 8.01 -15.56
N THR A 855 -33.28 8.88 -15.96
CA THR A 855 -33.54 10.30 -16.08
C THR A 855 -32.92 10.92 -17.34
N SER A 856 -33.72 11.71 -18.07
CA SER A 856 -33.25 12.35 -19.29
C SER A 856 -32.52 13.66 -19.03
N GLY A 857 -32.78 14.26 -17.88
CA GLY A 857 -32.13 15.51 -17.52
C GLY A 857 -32.70 16.08 -16.24
N LYS A 858 -33.04 17.36 -16.27
CA LYS A 858 -33.62 18.01 -15.10
C LYS A 858 -34.84 17.22 -14.65
N LYS A 859 -34.61 16.24 -13.78
CA LYS A 859 -35.66 15.38 -13.26
C LYS A 859 -35.15 14.69 -12.01
N THR A 860 -35.58 13.45 -11.81
CA THR A 860 -35.18 12.65 -10.67
C THR A 860 -35.91 11.32 -10.63
N SER A 861 -35.35 10.32 -11.30
CA SER A 861 -35.91 8.99 -11.34
C SER A 861 -35.86 8.37 -9.94
N PRO A 862 -36.72 7.38 -9.67
CA PRO A 862 -36.76 6.72 -8.36
C PRO A 862 -35.41 6.14 -7.96
N HIS A 863 -34.63 5.73 -8.95
CA HIS A 863 -33.30 5.18 -8.72
C HIS A 863 -32.28 6.28 -8.46
N PHE A 864 -32.38 7.37 -9.22
CA PHE A 864 -31.47 8.49 -9.05
C PHE A 864 -31.47 8.89 -7.59
N GLN A 865 -32.57 8.57 -6.92
CA GLN A 865 -32.73 8.87 -5.50
C GLN A 865 -31.85 7.92 -4.70
N LYS A 866 -32.04 6.62 -4.94
CA LYS A 866 -31.25 5.61 -4.25
C LYS A 866 -29.79 5.96 -4.49
N PHE A 867 -29.50 6.49 -5.66
CA PHE A 867 -28.15 6.90 -6.03
C PHE A 867 -27.67 7.86 -4.94
N GLN A 868 -28.45 8.92 -4.70
CA GLN A 868 -28.16 9.93 -3.69
C GLN A 868 -28.33 9.36 -2.29
N ASP A 869 -29.34 8.51 -2.14
CA ASP A 869 -29.64 7.84 -0.88
C ASP A 869 -28.39 7.06 -0.48
N ILE A 870 -27.50 6.88 -1.44
CA ILE A 870 -26.26 6.16 -1.21
C ILE A 870 -25.12 7.16 -1.05
N CYS A 871 -24.74 7.79 -2.16
CA CYS A 871 -23.64 8.76 -2.16
C CYS A 871 -23.43 9.49 -0.85
N VAL A 872 -24.39 10.33 -0.46
CA VAL A 872 -24.24 11.08 0.77
C VAL A 872 -24.02 10.17 1.96
N LYS A 873 -24.72 9.04 1.99
CA LYS A 873 -24.60 8.10 3.08
C LYS A 873 -23.23 7.42 3.06
N ALA A 874 -22.58 7.43 1.90
CA ALA A 874 -21.26 6.83 1.76
C ALA A 874 -20.20 7.93 1.95
N TYR A 875 -20.47 9.09 1.35
CA TYR A 875 -19.56 10.23 1.46
C TYR A 875 -19.44 10.74 2.88
N LEU A 876 -20.56 10.76 3.59
CA LEU A 876 -20.53 11.23 4.98
C LEU A 876 -20.01 10.13 5.89
N ALA A 877 -20.03 8.90 5.41
CA ALA A 877 -19.51 7.78 6.18
C ALA A 877 -18.00 7.88 6.18
N LEU A 878 -17.45 8.51 5.14
CA LEU A 878 -16.00 8.65 5.03
C LEU A 878 -15.53 9.78 5.88
N ARG A 879 -16.31 10.85 5.91
CA ARG A 879 -15.92 12.02 6.70
C ARG A 879 -15.67 11.55 8.13
N HIS A 880 -16.31 10.45 8.51
CA HIS A 880 -16.13 9.86 9.82
C HIS A 880 -14.68 9.41 10.02
N HIS A 881 -13.88 9.48 8.95
CA HIS A 881 -12.50 9.09 9.03
C HIS A 881 -11.61 10.11 8.36
N THR A 882 -12.05 11.35 8.31
CA THR A 882 -11.25 12.39 7.68
C THR A 882 -9.76 12.21 7.98
N ASN A 883 -9.40 12.16 9.24
CA ASN A 883 -8.01 11.97 9.65
C ASN A 883 -7.29 10.79 8.97
N LEU A 884 -7.90 9.62 8.99
CA LEU A 884 -7.31 8.42 8.36
C LEU A 884 -7.04 8.64 6.87
N LEU A 885 -8.10 8.97 6.13
CA LEU A 885 -8.01 9.19 4.70
C LEU A 885 -6.96 10.26 4.38
N ILE A 886 -6.80 11.21 5.29
CA ILE A 886 -5.84 12.28 5.13
C ILE A 886 -4.42 11.80 5.41
N ILE A 887 -4.26 10.82 6.28
CA ILE A 887 -2.93 10.35 6.59
C ILE A 887 -2.44 9.38 5.54
N LEU A 888 -3.37 8.63 4.96
CA LEU A 888 -3.05 7.67 3.92
C LEU A 888 -2.78 8.40 2.61
N PHE A 889 -3.64 9.35 2.30
CA PHE A 889 -3.51 10.14 1.09
C PHE A 889 -2.10 10.74 1.06
N SER A 890 -1.78 11.47 2.11
CA SER A 890 -0.49 12.12 2.27
C SER A 890 0.68 11.14 2.15
N MET A 891 0.55 9.98 2.76
CA MET A 891 1.61 8.99 2.70
C MET A 891 1.74 8.46 1.29
N MET A 892 0.60 8.23 0.63
CA MET A 892 0.56 7.75 -0.75
C MET A 892 1.31 8.66 -1.72
N LEU A 893 1.15 9.96 -1.53
CA LEU A 893 1.82 10.89 -2.42
C LEU A 893 3.31 10.93 -2.14
N MET A 894 3.70 10.86 -0.87
CA MET A 894 5.12 10.93 -0.53
C MET A 894 5.95 9.72 -0.91
N THR A 895 5.31 8.57 -1.12
CA THR A 895 6.06 7.37 -1.48
C THR A 895 5.59 6.74 -2.77
N GLY A 896 4.59 7.34 -3.40
CA GLY A 896 4.07 6.78 -4.63
C GLY A 896 4.31 7.59 -5.87
N MET A 897 4.33 8.91 -5.73
CA MET A 897 4.56 9.81 -6.86
C MET A 897 6.01 10.31 -6.91
N PRO A 898 6.34 11.13 -7.94
CA PRO A 898 7.69 11.69 -8.13
C PRO A 898 8.10 12.53 -6.92
N GLN A 899 8.07 13.85 -7.09
CA GLN A 899 8.39 14.78 -6.00
C GLN A 899 7.02 15.16 -5.46
N LEU A 900 6.88 15.33 -4.14
CA LEU A 900 5.57 15.66 -3.59
C LEU A 900 5.45 17.02 -2.92
N THR A 901 4.35 17.71 -3.25
CA THR A 901 4.06 19.02 -2.69
C THR A 901 3.75 18.91 -1.20
N SER A 902 4.80 19.06 -0.38
CA SER A 902 4.69 19.00 1.08
C SER A 902 3.63 19.94 1.63
N LYS A 903 3.01 20.70 0.73
CA LYS A 903 1.96 21.65 1.09
C LYS A 903 0.67 21.23 0.41
N GLU A 904 0.43 21.79 -0.77
CA GLU A 904 -0.77 21.49 -1.53
C GLU A 904 -0.73 20.06 -2.05
N ASP A 905 -1.65 19.73 -2.95
CA ASP A 905 -1.76 18.39 -3.51
C ASP A 905 -2.34 17.48 -2.45
N ILE A 906 -1.98 17.75 -1.20
CA ILE A 906 -2.49 16.96 -0.10
C ILE A 906 -3.70 17.71 0.43
N GLU A 907 -3.57 19.01 0.60
CA GLU A 907 -4.67 19.82 1.09
C GLU A 907 -5.89 19.65 0.20
N TYR A 908 -5.70 19.08 -0.98
CA TYR A 908 -6.84 18.83 -1.86
C TYR A 908 -7.88 17.94 -1.17
N ILE A 909 -7.41 16.90 -0.47
CA ILE A 909 -8.32 15.98 0.20
C ILE A 909 -9.04 16.62 1.37
N ARG A 910 -8.40 17.60 2.01
CA ARG A 910 -9.03 18.29 3.12
C ARG A 910 -10.27 18.96 2.53
N ASP A 911 -10.05 19.70 1.44
CA ASP A 911 -11.12 20.38 0.74
C ASP A 911 -12.24 19.39 0.41
N ALA A 912 -11.94 18.44 -0.47
CA ALA A 912 -12.91 17.44 -0.90
C ALA A 912 -13.75 16.87 0.24
N LEU A 913 -13.11 16.49 1.33
CA LEU A 913 -13.85 15.94 2.47
C LEU A 913 -14.59 17.03 3.21
N THR A 914 -14.32 18.28 2.84
CA THR A 914 -14.96 19.43 3.47
C THR A 914 -14.74 19.43 4.98
N VAL A 915 -13.48 19.37 5.38
CA VAL A 915 -13.12 19.35 6.78
C VAL A 915 -13.61 20.60 7.50
N GLY A 916 -14.11 20.42 8.72
CA GLY A 916 -14.58 21.53 9.51
C GLY A 916 -16.06 21.85 9.43
N LYS A 917 -16.62 21.81 8.22
CA LYS A 917 -18.02 22.12 8.06
C LYS A 917 -18.95 21.16 8.79
N ASN A 918 -20.24 21.25 8.48
CA ASN A 918 -21.26 20.44 9.12
C ASN A 918 -21.83 19.32 8.27
N GLU A 919 -22.43 18.35 8.95
CA GLU A 919 -23.05 17.20 8.31
C GLU A 919 -24.17 17.63 7.38
N GLU A 920 -24.07 18.83 6.83
CA GLU A 920 -25.09 19.33 5.93
C GLU A 920 -24.46 20.13 4.80
N ASP A 921 -23.74 21.19 5.14
CA ASP A 921 -23.08 22.02 4.14
C ASP A 921 -22.34 21.12 3.18
N ALA A 922 -21.78 20.04 3.71
CA ALA A 922 -21.03 19.08 2.92
C ALA A 922 -21.97 18.25 2.04
N LYS A 923 -23.01 17.70 2.67
CA LYS A 923 -24.00 16.89 1.96
C LYS A 923 -24.48 17.62 0.73
N LYS A 924 -24.59 18.94 0.83
CA LYS A 924 -25.03 19.77 -0.29
C LYS A 924 -23.86 20.00 -1.24
N TYR A 925 -22.68 20.15 -0.66
CA TYR A 925 -21.44 20.38 -1.40
C TYR A 925 -21.27 19.31 -2.47
N PHE A 926 -21.37 18.05 -2.06
CA PHE A 926 -21.22 16.94 -2.99
C PHE A 926 -22.30 16.97 -4.06
N LEU A 927 -23.50 17.39 -3.68
CA LEU A 927 -24.63 17.49 -4.59
C LEU A 927 -24.36 18.51 -5.69
N ASP A 928 -23.91 19.70 -5.29
CA ASP A 928 -23.58 20.73 -6.28
C ASP A 928 -22.61 20.08 -7.26
N GLN A 929 -21.70 19.27 -6.73
CA GLN A 929 -20.72 18.55 -7.54
C GLN A 929 -21.52 17.70 -8.49
N ILE A 930 -22.39 16.85 -7.94
CA ILE A 930 -23.24 15.97 -8.73
C ILE A 930 -23.84 16.76 -9.88
N GLU A 931 -24.20 18.00 -9.62
CA GLU A 931 -24.78 18.85 -10.65
C GLU A 931 -23.80 19.12 -11.77
N VAL A 932 -22.72 19.83 -11.48
CA VAL A 932 -21.71 20.15 -12.48
C VAL A 932 -21.46 19.05 -13.50
N CYS A 933 -21.53 17.81 -13.03
CA CYS A 933 -21.31 16.65 -13.90
C CYS A 933 -22.49 16.45 -14.82
N ARG A 934 -23.66 16.91 -14.38
CA ARG A 934 -24.90 16.82 -15.15
C ARG A 934 -25.07 18.12 -15.94
N ASP A 935 -24.53 19.20 -15.39
CA ASP A 935 -24.61 20.50 -16.02
C ASP A 935 -23.76 20.57 -17.27
N LYS A 936 -22.70 19.75 -17.32
CA LYS A 936 -21.78 19.75 -18.45
C LYS A 936 -22.00 18.68 -19.52
N GLY A 937 -23.02 17.85 -19.36
CA GLY A 937 -23.32 16.81 -20.34
C GLY A 937 -22.17 15.99 -20.89
N TRP A 938 -21.38 16.58 -21.80
CA TRP A 938 -20.23 15.90 -22.39
C TRP A 938 -19.10 16.88 -22.69
N THR A 939 -19.18 18.06 -22.11
CA THR A 939 -18.18 19.10 -22.33
C THR A 939 -16.73 18.59 -22.44
N VAL A 940 -16.33 17.71 -21.52
CA VAL A 940 -14.96 17.18 -21.53
C VAL A 940 -14.84 15.84 -22.25
N GLN A 941 -15.85 14.97 -22.10
CA GLN A 941 -15.79 13.68 -22.76
C GLN A 941 -15.40 13.87 -24.24
N PHE A 942 -15.90 14.96 -24.85
CA PHE A 942 -15.57 15.26 -26.24
C PHE A 942 -14.16 15.85 -26.35
N ASN A 943 -13.79 16.66 -25.35
CA ASN A 943 -12.49 17.29 -25.38
C ASN A 943 -11.33 16.33 -25.16
N TRP A 944 -11.36 15.58 -24.05
CA TRP A 944 -10.32 14.60 -23.72
C TRP A 944 -9.48 14.23 -24.94
N PHE A 945 -8.51 15.07 -25.28
CA PHE A 945 -7.66 14.81 -26.45
C PHE A 945 -6.16 15.02 -26.22
C1 BYM B . -4.61 -0.58 -17.06
C3 BYM B . -4.37 -1.00 -19.37
C8 BYM B . -9.34 -4.36 -17.32
C9 BYM B . -9.60 -4.96 -16.15
C11 BYM B . -8.35 -3.29 -17.43
C13 BYM B . -8.89 -4.57 -14.92
C14 BYM B . -10.63 -6.07 -17.69
C15 BYM B . -7.66 -2.91 -16.30
C16 BYM B . -7.96 -3.59 -14.99
N2 BYM B . -3.85 -0.32 -18.23
S4 BYM B . -5.80 -1.97 -18.99
C5 BYM B . -5.75 -1.47 -17.30
O6 BYM B . -3.86 -0.91 -20.48
O7 BYM B . -4.33 -0.08 -15.98
O10 BYM B . -10.12 -4.87 -18.34
O12 BYM B . -10.56 -5.92 -16.25
F17 BYM B . -9.85 -7.15 -18.11
C18 BYM B . -6.61 -1.83 -16.29
F19 BYM B . -11.93 -6.32 -18.03
#